data_8FNY
#
_entry.id   8FNY
#
_cell.length_a   59.160
_cell.length_b   83.352
_cell.length_c   88.978
_cell.angle_alpha   65.350
_cell.angle_beta   90.030
_cell.angle_gamma   86.470
#
_symmetry.space_group_name_H-M   'P 1'
#
loop_
_entity.id
_entity.type
_entity.pdbx_description
1 polymer 'Eukaryotic elongation factor 2 kinase'
2 polymer Calmodulin-1
3 non-polymer "ADENOSINE-5'-TRIPHOSPHATE"
4 non-polymer "ADENOSINE-5'-DIPHOSPHATE"
5 non-polymer 'ZINC ION'
6 non-polymer 'CALCIUM ION'
7 water water
#
loop_
_entity_poly.entity_id
_entity_poly.type
_entity_poly.pdbx_seq_one_letter_code
_entity_poly.pdbx_strand_id
1 'polypeptide(L)'
;SSSGSPANSFHFKEAWKHAIQKAKHMPDPWAEFHLEDIATERATRHRYNAVTGEWLDDEVLIKMASQPFGRGAMRECFRT
KKLSNFLHAQQWKGASNYVAKRYIEPVDRDVYFEDVRLQMEAKLWGEEYNRHKPPKQVDIMQMCIIELKDRPGKPLFHLE
HYIEGKYIKYNSNSGFVRDDNIRLTPQAFSHFTFERSGHQLIVVDIQGVGDLYTDPQIHTETGTDFGDGNLGVRGMALFF
YSHACNRICESMGLAPFDLSPRERDAVNQNTKLLQSAK(TPO)ILRGTEEKCGGGGGGGNSSRLHLPRASAVALEVQRLN
ALDLEKKIGKSILGKVHLAMVRYHEGGRFCEKGEEWDQESAVFHLEHAANLGELEAIVGLGLMYSQLPHHILADVSLKET
EENKTKGFDYLLKAAEAGDRQSMILVARAFDSGQNLSPDRCQDWLEALHWYNTALEMTDCDEGGEYDGMQDEPRYMMLAR
EAEMLFTGGYGLEKDPQRSGDLYTQAAEAAMEAMKGRLANQYYQKAEEAWAQMEE
;
A,C
2 'polypeptide(L)'
;ADQLTEEQIAEFKEAFSLFDKDGDGTITTKELGTVMRSLGQNPTEAELQDMINEVDADGNGTIDFPEFLTMMARKMKDTD
SEEEIREAFRVFDKDGNGYISAAELRHVMTNLGEKLTDEEVDEMIREADIDGDGQVNYEEFVQMMTAK
;
B,D
#
loop_
_chem_comp.id
_chem_comp.type
_chem_comp.name
_chem_comp.formula
ADP non-polymer ADENOSINE-5'-DIPHOSPHATE 'C10 H15 N5 O10 P2'
ATP non-polymer ADENOSINE-5'-TRIPHOSPHATE 'C10 H16 N5 O13 P3'
CA non-polymer 'CALCIUM ION' 'Ca 2'
ZN non-polymer 'ZINC ION' 'Zn 2'
#
# COMPACT_ATOMS: atom_id res chain seq x y z
N ASN A 8 -36.36 5.24 32.64
CA ASN A 8 -37.81 5.29 32.87
C ASN A 8 -38.20 6.51 33.68
N SER A 9 -37.28 7.02 34.48
CA SER A 9 -37.48 8.22 35.27
C SER A 9 -36.81 9.40 34.60
N PHE A 10 -37.47 10.56 34.62
CA PHE A 10 -36.95 11.77 34.02
C PHE A 10 -37.18 12.92 35.00
N HIS A 11 -36.07 13.47 35.51
CA HIS A 11 -36.08 14.47 36.56
C HIS A 11 -35.81 15.87 36.03
N PHE A 12 -35.86 16.03 34.70
CA PHE A 12 -35.53 17.30 34.06
C PHE A 12 -36.60 17.72 33.07
N LYS A 13 -37.72 16.98 33.01
CA LYS A 13 -38.79 17.30 32.08
C LYS A 13 -39.24 18.75 32.20
N GLU A 14 -39.32 19.26 33.43
CA GLU A 14 -39.73 20.65 33.62
C GLU A 14 -38.67 21.62 33.13
N ALA A 15 -37.39 21.25 33.15
CA ALA A 15 -36.38 22.11 32.55
C ALA A 15 -36.60 22.23 31.05
N TRP A 16 -36.83 21.09 30.39
CA TRP A 16 -37.11 21.08 28.96
C TRP A 16 -38.33 21.94 28.65
N LYS A 17 -39.39 21.79 29.45
CA LYS A 17 -40.65 22.48 29.17
C LYS A 17 -40.55 23.99 29.46
N HIS A 18 -39.80 24.36 30.51
CA HIS A 18 -39.57 25.77 30.76
C HIS A 18 -38.81 26.39 29.60
N ALA A 19 -37.84 25.66 29.05
CA ALA A 19 -37.11 26.17 27.89
C ALA A 19 -38.02 26.29 26.67
N ILE A 20 -38.92 25.31 26.48
CA ILE A 20 -39.85 25.35 25.36
C ILE A 20 -40.74 26.58 25.46
N GLN A 21 -41.19 26.90 26.68
CA GLN A 21 -42.03 28.07 26.86
C GLN A 21 -41.25 29.36 26.66
N LYS A 22 -40.00 29.41 27.14
CA LYS A 22 -39.18 30.60 26.90
C LYS A 22 -39.00 30.84 25.41
N ALA A 23 -38.76 29.77 24.65
CA ALA A 23 -38.61 29.93 23.21
C ALA A 23 -39.91 30.40 22.55
N LYS A 24 -41.06 29.89 23.00
CA LYS A 24 -42.33 30.31 22.39
C LYS A 24 -42.51 31.82 22.43
N HIS A 25 -42.00 32.48 23.46
CA HIS A 25 -42.19 33.91 23.60
C HIS A 25 -40.94 34.70 23.24
N MET A 26 -39.98 34.08 22.55
CA MET A 26 -38.74 34.65 22.08
C MET A 26 -38.95 35.29 20.71
N PRO A 27 -38.42 36.49 20.52
CA PRO A 27 -38.59 37.17 19.22
C PRO A 27 -37.67 36.62 18.14
N ASP A 28 -38.16 36.68 16.90
CA ASP A 28 -37.37 36.23 15.76
C ASP A 28 -36.26 37.24 15.49
N PRO A 29 -34.99 36.85 15.59
CA PRO A 29 -33.90 37.83 15.39
C PRO A 29 -33.86 38.44 14.00
N TRP A 30 -34.54 37.86 13.02
CA TRP A 30 -34.52 38.36 11.64
C TRP A 30 -35.87 38.95 11.22
N ALA A 31 -36.72 39.27 12.20
CA ALA A 31 -38.06 39.76 11.89
C ALA A 31 -38.01 41.02 11.04
N GLU A 32 -37.06 41.91 11.32
CA GLU A 32 -37.00 43.20 10.64
C GLU A 32 -36.44 43.10 9.23
N PHE A 33 -36.06 41.90 8.77
CA PHE A 33 -35.60 41.71 7.41
C PHE A 33 -36.70 41.27 6.46
N HIS A 34 -37.86 40.90 6.99
CA HIS A 34 -39.09 40.65 6.22
C HIS A 34 -38.85 39.66 5.08
N LEU A 35 -38.31 38.50 5.46
CA LEU A 35 -38.03 37.43 4.49
C LEU A 35 -39.29 36.70 4.07
N GLU A 36 -40.33 36.73 4.90
CA GLU A 36 -41.59 36.08 4.57
C GLU A 36 -42.30 36.76 3.41
N ASP A 37 -41.97 38.02 3.16
CA ASP A 37 -42.55 38.77 2.06
C ASP A 37 -41.86 38.48 0.74
N ILE A 38 -40.78 37.70 0.75
CA ILE A 38 -40.04 37.36 -0.45
C ILE A 38 -40.77 36.25 -1.18
N ALA A 39 -40.88 36.37 -2.50
CA ALA A 39 -41.51 35.34 -3.31
C ALA A 39 -40.87 33.98 -3.06
N THR A 40 -41.70 32.99 -2.79
CA THR A 40 -41.20 31.65 -2.51
C THR A 40 -40.56 31.05 -3.76
N GLU A 41 -39.42 30.38 -3.55
CA GLU A 41 -38.70 29.64 -4.57
C GLU A 41 -38.66 28.17 -4.19
N ARG A 42 -38.47 27.33 -5.21
CA ARG A 42 -38.45 25.89 -5.07
C ARG A 42 -37.02 25.36 -5.19
N ALA A 43 -36.68 24.38 -4.37
CA ALA A 43 -35.31 23.87 -4.39
C ALA A 43 -35.31 22.39 -4.04
N THR A 44 -34.23 21.73 -4.44
CA THR A 44 -33.98 20.34 -4.06
C THR A 44 -32.83 20.29 -3.07
N ARG A 45 -33.10 19.76 -1.87
CA ARG A 45 -32.11 19.67 -0.81
C ARG A 45 -31.45 18.30 -0.80
N HIS A 46 -30.12 18.29 -0.93
CA HIS A 46 -29.29 17.11 -0.79
C HIS A 46 -28.61 17.17 0.59
N ARG A 47 -28.93 16.21 1.44
CA ARG A 47 -28.32 16.03 2.76
C ARG A 47 -27.51 14.75 2.75
N TYR A 48 -26.44 14.72 3.55
CA TYR A 48 -25.45 13.66 3.48
C TYR A 48 -25.29 12.96 4.82
N ASN A 49 -25.05 11.65 4.77
CA ASN A 49 -24.71 10.82 5.92
C ASN A 49 -23.31 10.29 5.71
N ALA A 50 -22.39 10.65 6.61
CA ALA A 50 -20.98 10.32 6.47
C ALA A 50 -20.61 8.95 7.02
N VAL A 51 -21.43 8.37 7.89
CA VAL A 51 -21.17 7.01 8.34
C VAL A 51 -21.50 6.01 7.23
N THR A 52 -22.65 6.21 6.59
CA THR A 52 -23.10 5.38 5.48
C THR A 52 -22.61 5.89 4.13
N GLY A 53 -22.11 7.12 4.05
CA GLY A 53 -21.69 7.69 2.79
C GLY A 53 -22.83 7.84 1.80
N GLU A 54 -24.03 8.16 2.29
CA GLU A 54 -25.22 8.14 1.45
C GLU A 54 -25.90 9.51 1.43
N TRP A 55 -26.50 9.84 0.29
CA TRP A 55 -27.17 11.12 0.08
C TRP A 55 -28.69 10.92 0.00
N LEU A 56 -29.42 11.74 0.74
CA LEU A 56 -30.87 11.82 0.70
C LEU A 56 -31.30 13.17 0.13
N ASP A 57 -32.23 13.14 -0.82
CA ASP A 57 -32.70 14.36 -1.45
C ASP A 57 -34.19 14.51 -1.24
N ASP A 58 -34.62 15.77 -1.14
CA ASP A 58 -36.03 16.07 -1.00
C ASP A 58 -36.31 17.42 -1.64
N GLU A 59 -37.58 17.77 -1.70
CA GLU A 59 -38.02 19.05 -2.26
C GLU A 59 -38.37 20.00 -1.13
N VAL A 60 -37.81 21.21 -1.17
CA VAL A 60 -37.99 22.21 -0.13
C VAL A 60 -38.45 23.52 -0.77
N LEU A 61 -39.00 24.39 0.08
CA LEU A 61 -39.47 25.71 -0.30
C LEU A 61 -38.69 26.74 0.51
N ILE A 62 -38.12 27.74 -0.18
CA ILE A 62 -37.23 28.70 0.45
C ILE A 62 -37.66 30.12 0.13
N LYS A 63 -37.33 31.04 1.04
CA LYS A 63 -37.48 32.47 0.87
C LYS A 63 -36.14 33.10 1.23
N MET A 64 -35.39 33.56 0.23
CA MET A 64 -34.02 34.02 0.42
C MET A 64 -33.90 35.52 0.16
N ALA A 65 -33.10 36.20 0.99
CA ALA A 65 -32.82 37.61 0.78
C ALA A 65 -32.14 37.81 -0.56
N SER A 66 -32.41 38.97 -1.17
CA SER A 66 -31.88 39.28 -2.49
C SER A 66 -30.43 39.76 -2.44
N GLN A 67 -29.97 40.27 -1.31
CA GLN A 67 -28.62 40.78 -1.17
C GLN A 67 -27.94 40.15 0.04
N PRO A 68 -26.61 39.99 -0.03
CA PRO A 68 -25.91 39.31 1.05
C PRO A 68 -25.80 40.16 2.31
N PHE A 69 -25.71 39.48 3.45
CA PHE A 69 -25.45 40.16 4.71
C PHE A 69 -23.97 40.11 5.08
N GLY A 70 -23.21 39.18 4.50
CA GLY A 70 -21.78 39.10 4.73
C GLY A 70 -21.12 38.35 3.61
N ARG A 71 -19.82 38.59 3.43
CA ARG A 71 -19.04 37.87 2.44
C ARG A 71 -17.69 37.56 3.07
N GLY A 72 -17.20 36.36 2.83
CA GLY A 72 -15.86 35.97 3.21
C GLY A 72 -14.90 36.07 2.06
N ALA A 73 -13.84 35.27 2.12
CA ALA A 73 -12.87 35.25 1.03
C ALA A 73 -13.38 34.46 -0.16
N MET A 74 -14.13 33.39 0.09
CA MET A 74 -14.57 32.48 -0.96
C MET A 74 -16.07 32.51 -1.23
N ARG A 75 -16.88 32.82 -0.22
CA ARG A 75 -18.33 32.71 -0.35
C ARG A 75 -19.03 33.94 0.21
N GLU A 76 -20.24 34.17 -0.30
CA GLU A 76 -21.15 35.18 0.22
C GLU A 76 -22.36 34.50 0.85
N CYS A 77 -22.93 35.15 1.86
CA CYS A 77 -23.97 34.56 2.68
C CYS A 77 -25.26 35.34 2.53
N PHE A 78 -26.37 34.61 2.41
CA PHE A 78 -27.71 35.18 2.29
C PHE A 78 -28.60 34.65 3.41
N ARG A 79 -29.40 35.53 3.98
CA ARG A 79 -30.39 35.13 4.97
C ARG A 79 -31.55 34.42 4.27
N THR A 80 -31.99 33.30 4.84
CA THR A 80 -33.02 32.47 4.22
C THR A 80 -33.98 31.97 5.28
N LYS A 81 -35.24 31.78 4.89
CA LYS A 81 -36.20 31.02 5.67
C LYS A 81 -36.62 29.80 4.86
N LYS A 82 -36.80 28.67 5.53
CA LYS A 82 -37.16 27.44 4.86
C LYS A 82 -38.20 26.70 5.69
N LEU A 83 -39.20 26.15 5.01
CA LEU A 83 -40.22 25.35 5.68
C LEU A 83 -39.68 23.97 5.99
N SER A 84 -40.01 23.46 7.17
CA SER A 84 -39.53 22.17 7.61
C SER A 84 -40.36 21.05 6.99
N ASN A 85 -39.69 19.96 6.63
CA ASN A 85 -40.36 18.74 6.19
C ASN A 85 -40.49 17.73 7.32
N PHE A 86 -39.96 18.05 8.50
CA PHE A 86 -40.19 17.24 9.69
C PHE A 86 -41.54 17.56 10.32
N LEU A 87 -41.89 18.85 10.36
CA LEU A 87 -43.23 19.26 10.77
C LEU A 87 -44.22 18.95 9.65
N HIS A 88 -45.49 18.82 10.02
CA HIS A 88 -46.51 18.39 9.06
C HIS A 88 -47.12 19.54 8.27
N ALA A 89 -47.32 20.71 8.90
CA ALA A 89 -47.92 21.85 8.22
C ALA A 89 -47.42 23.15 8.86
N GLN A 90 -46.13 23.43 8.67
CA GLN A 90 -45.55 24.65 9.19
C GLN A 90 -45.87 25.83 8.28
N GLN A 91 -46.15 26.98 8.89
CA GLN A 91 -46.40 28.22 8.16
C GLN A 91 -45.12 29.07 8.18
N TRP A 92 -45.05 30.00 7.22
CA TRP A 92 -43.85 30.83 7.10
C TRP A 92 -43.62 31.72 8.31
N LYS A 93 -44.66 31.97 9.12
CA LYS A 93 -44.45 32.78 10.33
C LYS A 93 -43.53 32.09 11.32
N GLY A 94 -43.51 30.76 11.35
CA GLY A 94 -42.67 30.01 12.26
C GLY A 94 -41.49 29.31 11.64
N ALA A 95 -41.16 29.58 10.38
CA ALA A 95 -40.04 28.93 9.72
C ALA A 95 -38.72 29.34 10.36
N SER A 96 -37.77 28.41 10.39
CA SER A 96 -36.48 28.66 11.00
C SER A 96 -35.62 29.54 10.09
N ASN A 97 -34.55 30.09 10.68
CA ASN A 97 -33.61 30.94 9.97
C ASN A 97 -32.41 30.12 9.51
N TYR A 98 -31.91 30.44 8.32
CA TYR A 98 -30.83 29.68 7.70
C TYR A 98 -29.87 30.64 7.01
N VAL A 99 -28.61 30.23 6.95
CA VAL A 99 -27.59 30.91 6.16
C VAL A 99 -27.34 30.08 4.91
N ALA A 100 -27.51 30.71 3.75
CA ALA A 100 -27.25 30.07 2.46
C ALA A 100 -26.01 30.72 1.85
N LYS A 101 -24.95 29.95 1.68
CA LYS A 101 -23.68 30.43 1.19
C LYS A 101 -23.49 30.02 -0.27
N ARG A 102 -22.90 30.93 -1.06
CA ARG A 102 -22.65 30.72 -2.47
C ARG A 102 -21.24 31.17 -2.80
N TYR A 103 -20.53 30.38 -3.61
CA TYR A 103 -19.19 30.75 -4.02
C TYR A 103 -19.24 31.97 -4.94
N ILE A 104 -18.46 33.00 -4.58
CA ILE A 104 -18.43 34.23 -5.38
C ILE A 104 -17.85 33.95 -6.75
N GLU A 105 -16.70 33.28 -6.80
CA GLU A 105 -16.21 32.83 -8.10
C GLU A 105 -16.85 31.50 -8.45
N PRO A 106 -17.28 31.30 -9.69
CA PRO A 106 -17.93 30.04 -10.05
C PRO A 106 -16.96 28.87 -9.92
N VAL A 107 -17.46 27.78 -9.32
CA VAL A 107 -16.69 26.58 -9.09
C VAL A 107 -17.44 25.39 -9.67
N ASP A 108 -16.80 24.24 -9.62
CA ASP A 108 -17.44 23.02 -10.11
C ASP A 108 -18.55 22.60 -9.15
N ARG A 109 -19.53 21.87 -9.69
CA ARG A 109 -20.67 21.46 -8.86
C ARG A 109 -20.26 20.49 -7.76
N ASP A 110 -19.18 19.72 -7.97
CA ASP A 110 -18.76 18.76 -6.97
C ASP A 110 -18.09 19.42 -5.77
N VAL A 111 -17.69 20.69 -5.90
CA VAL A 111 -17.06 21.38 -4.78
C VAL A 111 -18.04 21.51 -3.61
N TYR A 112 -19.33 21.75 -3.91
CA TYR A 112 -20.31 21.89 -2.86
C TYR A 112 -20.51 20.57 -2.11
N PHE A 113 -20.63 19.46 -2.84
CA PHE A 113 -20.78 18.16 -2.20
C PHE A 113 -19.53 17.77 -1.43
N GLU A 114 -18.35 18.15 -1.93
CA GLU A 114 -17.12 17.85 -1.20
C GLU A 114 -17.03 18.67 0.08
N ASP A 115 -17.50 19.91 0.05
CA ASP A 115 -17.54 20.71 1.27
C ASP A 115 -18.53 20.12 2.28
N VAL A 116 -19.65 19.59 1.79
CA VAL A 116 -20.59 18.93 2.69
C VAL A 116 -19.94 17.71 3.33
N ARG A 117 -19.24 16.90 2.53
CA ARG A 117 -18.55 15.74 3.08
C ARG A 117 -17.49 16.16 4.10
N LEU A 118 -16.74 17.22 3.82
CA LEU A 118 -15.77 17.75 4.77
C LEU A 118 -16.43 18.10 6.09
N GLN A 119 -17.53 18.87 6.04
CA GLN A 119 -18.18 19.31 7.27
C GLN A 119 -18.74 18.12 8.05
N MET A 120 -19.32 17.14 7.35
CA MET A 120 -19.90 16.00 8.06
C MET A 120 -18.83 15.12 8.67
N GLU A 121 -17.68 14.98 7.99
CA GLU A 121 -16.56 14.25 8.59
C GLU A 121 -16.04 14.96 9.83
N ALA A 122 -15.94 16.30 9.77
CA ALA A 122 -15.54 17.06 10.95
C ALA A 122 -16.56 16.88 12.08
N LYS A 123 -17.84 16.77 11.74
CA LYS A 123 -18.86 16.53 12.75
C LYS A 123 -18.69 15.15 13.40
N LEU A 124 -18.40 14.13 12.60
CA LEU A 124 -18.10 12.81 13.14
C LEU A 124 -16.90 12.89 14.10
N TRP A 125 -15.88 13.65 13.73
CA TRP A 125 -14.71 13.76 14.60
C TRP A 125 -15.04 14.51 15.89
N GLY A 126 -15.91 15.52 15.80
CA GLY A 126 -16.38 16.17 17.01
C GLY A 126 -17.10 15.21 17.94
N GLU A 127 -17.93 14.33 17.37
CA GLU A 127 -18.62 13.32 18.19
C GLU A 127 -17.61 12.36 18.83
N GLU A 128 -16.60 11.93 18.06
CA GLU A 128 -15.57 11.07 18.62
C GLU A 128 -14.85 11.75 19.77
N TYR A 129 -14.53 13.04 19.61
CA TYR A 129 -13.93 13.81 20.70
C TYR A 129 -14.84 13.85 21.92
N ASN A 130 -16.14 14.07 21.70
CA ASN A 130 -17.08 14.10 22.81
C ASN A 130 -17.13 12.77 23.55
N ARG A 131 -16.95 11.66 22.82
CA ARG A 131 -17.04 10.35 23.47
C ARG A 131 -15.96 10.14 24.52
N HIS A 132 -14.90 10.96 24.53
CA HIS A 132 -13.85 10.84 25.53
C HIS A 132 -14.13 11.70 26.77
N LYS A 133 -15.38 12.13 26.96
CA LYS A 133 -15.84 12.92 28.09
C LYS A 133 -14.96 14.14 28.34
N PRO A 134 -14.93 15.11 27.44
CA PRO A 134 -14.11 16.30 27.65
C PRO A 134 -14.81 17.25 28.61
N PRO A 135 -14.10 18.25 29.14
CA PRO A 135 -14.76 19.23 30.01
C PRO A 135 -15.86 20.01 29.31
N LYS A 136 -15.67 20.33 28.03
CA LYS A 136 -16.70 20.99 27.23
C LYS A 136 -16.84 20.24 25.92
N GLN A 137 -18.04 19.75 25.65
CA GLN A 137 -18.31 19.02 24.41
C GLN A 137 -18.46 19.99 23.24
N VAL A 138 -18.19 19.46 22.04
CA VAL A 138 -18.23 20.24 20.81
C VAL A 138 -19.28 19.64 19.89
N ASP A 139 -19.59 20.38 18.82
CA ASP A 139 -20.49 19.91 17.78
C ASP A 139 -20.31 20.79 16.56
N ILE A 140 -20.16 20.17 15.39
CA ILE A 140 -20.05 20.88 14.12
C ILE A 140 -21.42 20.88 13.46
N MET A 141 -21.86 22.06 13.05
CA MET A 141 -23.19 22.19 12.45
C MET A 141 -23.28 21.41 11.15
N GLN A 142 -24.41 20.74 10.96
CA GLN A 142 -24.67 20.08 9.68
C GLN A 142 -24.84 21.12 8.58
N MET A 143 -24.25 20.83 7.42
CA MET A 143 -24.41 21.67 6.24
C MET A 143 -24.91 20.80 5.10
N CYS A 144 -25.87 21.33 4.33
CA CYS A 144 -26.43 20.58 3.22
C CYS A 144 -26.40 21.43 1.95
N ILE A 145 -27.02 20.94 0.87
CA ILE A 145 -27.04 21.65 -0.40
C ILE A 145 -28.49 21.89 -0.80
N ILE A 146 -28.78 23.06 -1.33
CA ILE A 146 -30.06 23.36 -1.97
C ILE A 146 -29.78 23.77 -3.41
N GLU A 147 -30.50 23.15 -4.34
CA GLU A 147 -30.36 23.42 -5.77
C GLU A 147 -31.61 24.15 -6.24
N LEU A 148 -31.42 25.36 -6.77
CA LEU A 148 -32.53 26.19 -7.26
C LEU A 148 -32.65 25.96 -8.76
N LYS A 149 -33.43 24.94 -9.13
CA LYS A 149 -33.50 24.50 -10.52
C LYS A 149 -34.30 25.45 -11.39
N ASP A 150 -34.98 26.44 -10.82
CA ASP A 150 -35.74 27.41 -11.60
C ASP A 150 -34.99 28.72 -11.83
N ARG A 151 -33.88 28.94 -11.12
CA ARG A 151 -33.04 30.09 -11.42
C ARG A 151 -32.14 29.81 -12.61
N PRO A 152 -31.74 30.84 -13.35
CA PRO A 152 -30.83 30.63 -14.49
C PRO A 152 -29.53 29.98 -14.04
N GLY A 153 -29.22 28.83 -14.66
CA GLY A 153 -28.02 28.09 -14.34
C GLY A 153 -28.20 26.99 -13.31
N LYS A 154 -29.38 26.89 -12.68
CA LYS A 154 -29.66 25.95 -11.60
C LYS A 154 -28.58 26.04 -10.53
N PRO A 155 -28.51 27.16 -9.81
CA PRO A 155 -27.40 27.36 -8.87
C PRO A 155 -27.51 26.49 -7.63
N LEU A 156 -26.34 26.16 -7.08
CA LEU A 156 -26.22 25.41 -5.84
C LEU A 156 -25.86 26.38 -4.70
N PHE A 157 -26.47 26.16 -3.54
CA PHE A 157 -26.16 26.91 -2.34
C PHE A 157 -25.90 25.93 -1.21
N HIS A 158 -24.91 26.24 -0.38
CA HIS A 158 -24.78 25.55 0.90
C HIS A 158 -25.81 26.12 1.86
N LEU A 159 -26.42 25.26 2.67
CA LEU A 159 -27.43 25.70 3.62
C LEU A 159 -27.05 25.19 5.00
N GLU A 160 -27.16 26.07 6.00
CA GLU A 160 -26.99 25.65 7.38
C GLU A 160 -27.90 26.48 8.26
N HIS A 161 -28.09 26.03 9.50
CA HIS A 161 -28.90 26.79 10.45
C HIS A 161 -28.13 28.01 10.95
N TYR A 162 -28.88 29.06 11.26
CA TYR A 162 -28.29 30.31 11.74
C TYR A 162 -28.02 30.21 13.24
N ILE A 163 -26.77 30.44 13.61
CA ILE A 163 -26.34 30.37 15.01
C ILE A 163 -26.31 31.78 15.59
N GLU A 164 -27.09 32.01 16.64
CA GLU A 164 -27.07 33.28 17.34
C GLU A 164 -25.88 33.36 18.28
N GLY A 165 -25.25 34.52 18.35
CA GLY A 165 -24.23 34.78 19.34
C GLY A 165 -22.99 35.39 18.70
N LYS A 166 -21.93 35.46 19.50
CA LYS A 166 -20.65 36.01 19.06
C LYS A 166 -19.90 34.97 18.23
N TYR A 167 -19.74 35.25 16.94
CA TYR A 167 -18.99 34.37 16.06
C TYR A 167 -17.50 34.62 16.27
N ILE A 168 -16.78 33.60 16.74
CA ILE A 168 -15.37 33.70 17.07
C ILE A 168 -14.59 32.71 16.23
N LYS A 169 -13.45 33.15 15.70
CA LYS A 169 -12.48 32.28 15.03
C LYS A 169 -11.39 31.94 16.04
N TYR A 170 -11.36 30.68 16.47
CA TYR A 170 -10.38 30.27 17.47
C TYR A 170 -9.03 29.95 16.84
N ASN A 171 -9.04 29.25 15.71
CA ASN A 171 -7.82 29.02 14.93
C ASN A 171 -8.18 28.98 13.46
N SER A 172 -7.16 29.05 12.61
CA SER A 172 -7.33 28.98 11.17
C SER A 172 -6.74 27.67 10.66
N ASN A 173 -6.59 27.56 9.34
CA ASN A 173 -5.93 26.41 8.73
C ASN A 173 -4.47 26.71 8.40
N SER A 174 -3.89 27.74 9.01
CA SER A 174 -2.54 28.16 8.66
C SER A 174 -1.81 28.71 9.87
N GLY A 175 -2.06 28.12 11.04
CA GLY A 175 -1.29 28.43 12.23
C GLY A 175 -1.79 29.56 13.08
N PHE A 176 -2.84 30.27 12.66
CA PHE A 176 -3.40 31.32 13.49
C PHE A 176 -4.05 30.72 14.73
N VAL A 177 -3.78 31.35 15.89
CA VAL A 177 -4.36 30.92 17.15
C VAL A 177 -4.86 32.16 17.89
N ARG A 178 -6.10 32.12 18.36
CA ARG A 178 -6.69 33.22 19.12
C ARG A 178 -6.17 33.14 20.56
N ASP A 179 -5.23 34.02 20.90
CA ASP A 179 -4.70 34.09 22.25
C ASP A 179 -5.49 35.02 23.15
N ASP A 180 -6.22 35.97 22.58
CA ASP A 180 -7.05 36.86 23.38
C ASP A 180 -8.17 36.08 24.06
N ASN A 181 -8.13 36.03 25.39
CA ASN A 181 -9.06 35.23 26.18
C ASN A 181 -9.03 33.79 25.68
N ILE A 182 -7.84 33.19 25.79
CA ILE A 182 -7.58 31.89 25.17
C ILE A 182 -8.53 30.83 25.72
N ARG A 183 -8.99 29.96 24.81
CA ARG A 183 -9.79 28.81 25.16
C ARG A 183 -9.00 27.55 24.84
N LEU A 184 -9.28 26.48 25.58
CA LEU A 184 -8.52 25.24 25.43
C LEU A 184 -9.23 24.20 24.57
N THR A 185 -10.56 24.16 24.61
CA THR A 185 -11.31 23.14 23.88
C THR A 185 -11.01 23.11 22.38
N PRO A 186 -11.01 24.23 21.64
CA PRO A 186 -10.74 24.14 20.19
C PRO A 186 -9.38 23.53 19.86
N GLN A 187 -8.32 24.02 20.51
CA GLN A 187 -6.97 23.53 20.20
C GLN A 187 -6.82 22.06 20.61
N ALA A 188 -7.38 21.70 21.77
CA ALA A 188 -7.33 20.31 22.21
C ALA A 188 -8.09 19.41 21.26
N PHE A 189 -9.23 19.88 20.74
CA PHE A 189 -9.99 19.12 19.76
C PHE A 189 -9.18 18.88 18.50
N SER A 190 -8.50 19.92 18.00
CA SER A 190 -7.67 19.75 16.81
C SER A 190 -6.55 18.73 17.05
N HIS A 191 -5.85 18.86 18.17
CA HIS A 191 -4.77 17.92 18.48
C HIS A 191 -5.32 16.49 18.63
N PHE A 192 -6.49 16.36 19.25
CA PHE A 192 -7.14 15.06 19.39
C PHE A 192 -7.44 14.45 18.03
N THR A 193 -7.94 15.26 17.10
CA THR A 193 -8.21 14.74 15.77
C THR A 193 -6.93 14.30 15.08
N PHE A 194 -5.84 15.04 15.30
CA PHE A 194 -4.56 14.63 14.72
C PHE A 194 -4.12 13.27 15.25
N GLU A 195 -4.22 13.08 16.57
CA GLU A 195 -3.71 11.83 17.16
C GLU A 195 -4.64 10.65 16.92
N ARG A 196 -5.95 10.85 17.08
CA ARG A 196 -6.91 9.76 16.99
C ARG A 196 -6.99 9.20 15.57
N SER A 197 -6.79 10.04 14.55
CA SER A 197 -6.80 9.59 13.18
C SER A 197 -5.53 8.86 12.77
N GLY A 198 -4.61 8.64 13.70
CA GLY A 198 -3.33 8.03 13.35
C GLY A 198 -2.50 8.90 12.44
N HIS A 199 -2.55 10.23 12.64
CA HIS A 199 -1.85 11.23 11.85
C HIS A 199 -2.38 11.32 10.42
N GLN A 200 -3.53 10.70 10.14
CA GLN A 200 -4.06 10.70 8.78
C GLN A 200 -4.83 11.98 8.46
N LEU A 201 -5.28 12.71 9.47
CA LEU A 201 -5.99 13.96 9.23
C LEU A 201 -5.94 14.80 10.50
N ILE A 202 -6.26 16.09 10.34
CA ILE A 202 -6.40 17.01 11.45
C ILE A 202 -7.53 17.98 11.11
N VAL A 203 -8.41 18.22 12.08
CA VAL A 203 -9.54 19.14 11.92
C VAL A 203 -9.14 20.45 12.57
N VAL A 204 -9.00 21.49 11.77
CA VAL A 204 -8.62 22.81 12.25
C VAL A 204 -9.57 23.82 11.62
N ASP A 205 -9.21 25.12 11.67
CA ASP A 205 -10.11 26.21 11.29
C ASP A 205 -11.37 26.19 12.16
N ILE A 206 -11.17 25.99 13.46
CA ILE A 206 -12.26 25.92 14.42
C ILE A 206 -12.84 27.31 14.63
N GLN A 207 -14.12 27.47 14.33
CA GLN A 207 -14.78 28.77 14.44
C GLN A 207 -16.27 28.54 14.62
N GLY A 208 -16.92 29.47 15.30
CA GLY A 208 -18.35 29.39 15.51
C GLY A 208 -18.76 30.15 16.76
N VAL A 209 -19.89 29.75 17.34
CA VAL A 209 -20.43 30.38 18.54
C VAL A 209 -20.24 29.42 19.70
N GLY A 210 -19.40 29.79 20.65
CA GLY A 210 -19.11 28.89 21.76
C GLY A 210 -18.40 27.65 21.25
N ASP A 211 -19.06 26.50 21.40
CA ASP A 211 -18.56 25.24 20.89
C ASP A 211 -19.44 24.67 19.78
N LEU A 212 -20.27 25.51 19.17
CA LEU A 212 -21.00 25.15 17.95
C LEU A 212 -20.17 25.65 16.76
N TYR A 213 -19.52 24.72 16.09
CA TYR A 213 -18.56 25.05 15.04
C TYR A 213 -19.20 24.97 13.67
N THR A 214 -18.67 25.77 12.74
CA THR A 214 -19.04 25.70 11.34
C THR A 214 -17.88 26.18 10.50
N ASP A 215 -17.95 25.89 9.20
CA ASP A 215 -16.88 26.17 8.26
C ASP A 215 -15.51 25.67 8.77
N PRO A 216 -15.39 24.38 9.06
CA PRO A 216 -14.09 23.85 9.47
C PRO A 216 -13.25 23.47 8.26
N GLN A 217 -12.00 23.12 8.52
CA GLN A 217 -11.10 22.66 7.48
C GLN A 217 -10.40 21.39 7.95
N ILE A 218 -10.14 20.48 7.02
CA ILE A 218 -9.45 19.24 7.32
C ILE A 218 -8.18 19.17 6.48
N HIS A 219 -7.05 18.92 7.13
CA HIS A 219 -5.80 18.62 6.44
C HIS A 219 -5.58 17.11 6.50
N THR A 220 -5.44 16.49 5.33
CA THR A 220 -5.26 15.04 5.25
C THR A 220 -3.84 14.72 4.82
N GLU A 221 -3.47 13.44 5.02
CA GLU A 221 -2.14 12.99 4.65
C GLU A 221 -1.88 13.14 3.16
N THR A 222 -2.79 12.62 2.34
CA THR A 222 -2.61 12.68 0.89
C THR A 222 -2.86 14.09 0.35
N GLY A 223 -3.77 14.84 0.98
CA GLY A 223 -4.09 16.17 0.50
C GLY A 223 -4.87 16.22 -0.79
N THR A 224 -5.45 15.09 -1.20
CA THR A 224 -6.17 15.01 -2.46
C THR A 224 -7.65 15.37 -2.33
N ASP A 225 -8.22 15.23 -1.14
CA ASP A 225 -9.65 15.45 -0.92
C ASP A 225 -9.88 16.70 -0.07
N PHE A 226 -11.17 17.02 0.08
CA PHE A 226 -11.63 18.11 0.94
C PHE A 226 -11.24 19.49 0.41
N GLY A 227 -11.15 19.64 -0.90
CA GLY A 227 -11.02 20.95 -1.51
C GLY A 227 -9.60 21.50 -1.50
N ASP A 228 -9.52 22.82 -1.72
CA ASP A 228 -8.25 23.52 -1.84
C ASP A 228 -7.72 24.03 -0.51
N GLY A 229 -8.52 24.00 0.56
CA GLY A 229 -8.00 24.33 1.87
C GLY A 229 -7.18 23.26 2.52
N ASN A 230 -7.22 22.04 1.97
CA ASN A 230 -6.42 20.92 2.45
C ASN A 230 -4.97 21.14 2.03
N LEU A 231 -4.17 21.70 2.94
CA LEU A 231 -2.75 21.91 2.70
C LEU A 231 -1.91 20.67 3.03
N GLY A 232 -2.56 19.55 3.34
CA GLY A 232 -1.86 18.31 3.61
C GLY A 232 -1.02 18.39 4.87
N VAL A 233 0.09 17.65 4.86
CA VAL A 233 0.97 17.62 6.03
C VAL A 233 1.49 19.02 6.34
N ARG A 234 1.63 19.87 5.31
CA ARG A 234 2.04 21.25 5.55
C ARG A 234 1.07 21.95 6.49
N GLY A 235 -0.23 21.78 6.24
CA GLY A 235 -1.21 22.34 7.15
C GLY A 235 -1.03 21.82 8.56
N MET A 236 -0.77 20.51 8.69
CA MET A 236 -0.51 19.95 10.01
C MET A 236 0.68 20.66 10.65
N ALA A 237 1.75 20.87 9.89
CA ALA A 237 2.90 21.58 10.40
C ALA A 237 2.50 22.97 10.88
N LEU A 238 1.68 23.66 10.08
CA LEU A 238 1.26 25.01 10.46
C LEU A 238 0.54 24.99 11.79
N PHE A 239 -0.23 23.94 12.07
CA PHE A 239 -0.85 23.84 13.37
C PHE A 239 0.20 23.65 14.47
N PHE A 240 1.09 22.67 14.29
CA PHE A 240 1.97 22.28 15.38
C PHE A 240 3.10 23.28 15.61
N TYR A 241 3.35 24.18 14.65
CA TYR A 241 4.28 25.26 14.91
C TYR A 241 3.74 26.25 15.93
N SER A 242 2.42 26.32 16.09
CA SER A 242 1.80 27.29 16.99
C SER A 242 1.09 26.65 18.17
N HIS A 243 0.86 25.34 18.16
CA HIS A 243 0.05 24.70 19.19
C HIS A 243 0.86 24.52 20.47
N ALA A 244 0.38 25.12 21.56
CA ALA A 244 0.90 24.86 22.89
C ALA A 244 -0.10 23.97 23.61
N CYS A 245 0.30 22.72 23.87
CA CYS A 245 -0.60 21.76 24.50
C CYS A 245 -1.06 22.27 25.86
N ASN A 246 -2.37 22.17 26.10
CA ASN A 246 -2.98 22.61 27.35
C ASN A 246 -3.32 21.38 28.19
N ARG A 247 -4.06 21.60 29.28
CA ARG A 247 -4.37 20.52 30.20
C ARG A 247 -5.38 19.53 29.63
N ILE A 248 -6.20 19.95 28.66
CA ILE A 248 -7.10 19.00 28.01
C ILE A 248 -6.31 18.02 27.16
N CYS A 249 -5.28 18.52 26.46
CA CYS A 249 -4.38 17.64 25.71
C CYS A 249 -3.78 16.58 26.63
N GLU A 250 -3.31 17.00 27.81
CA GLU A 250 -2.64 16.07 28.72
C GLU A 250 -3.62 15.11 29.38
N SER A 251 -4.84 15.57 29.66
CA SER A 251 -5.83 14.69 30.28
C SER A 251 -6.27 13.56 29.35
N MET A 252 -6.01 13.68 28.06
CA MET A 252 -6.37 12.65 27.09
C MET A 252 -5.14 11.92 26.54
N GLY A 253 -3.97 12.15 27.12
CA GLY A 253 -2.78 11.41 26.74
C GLY A 253 -2.14 11.83 25.44
N LEU A 254 -2.38 13.04 24.97
CA LEU A 254 -1.80 13.51 23.72
C LEU A 254 -0.36 13.92 23.94
N ALA A 255 0.55 13.28 23.20
CA ALA A 255 1.96 13.62 23.31
C ALA A 255 2.23 14.96 22.64
N PRO A 256 3.09 15.81 23.23
CA PRO A 256 3.40 17.09 22.60
C PRO A 256 4.21 16.91 21.32
N PHE A 257 4.04 17.86 20.40
CA PHE A 257 4.82 17.87 19.18
C PHE A 257 6.23 18.36 19.48
N ASP A 258 7.22 17.73 18.85
CA ASP A 258 8.62 18.05 19.12
C ASP A 258 8.98 19.36 18.41
N LEU A 259 9.02 20.44 19.19
CA LEU A 259 9.40 21.75 18.70
C LEU A 259 10.82 22.08 19.15
N SER A 260 11.48 22.95 18.38
CA SER A 260 12.82 23.39 18.71
C SER A 260 12.78 24.33 19.91
N PRO A 261 13.92 24.54 20.57
CA PRO A 261 13.94 25.46 21.73
C PRO A 261 13.36 26.84 21.45
N ARG A 262 13.72 27.45 20.31
CA ARG A 262 13.16 28.75 19.95
C ARG A 262 11.64 28.66 19.86
N GLU A 263 11.13 27.70 19.09
CA GLU A 263 9.70 27.54 18.92
C GLU A 263 9.03 27.14 20.24
N ARG A 264 9.70 26.29 21.02
CA ARG A 264 9.11 25.85 22.28
C ARG A 264 8.95 27.02 23.26
N ASP A 265 9.92 27.93 23.29
CA ASP A 265 9.79 29.10 24.13
C ASP A 265 8.75 30.07 23.59
N ALA A 266 8.68 30.21 22.27
CA ALA A 266 7.69 31.10 21.66
C ALA A 266 6.27 30.63 21.93
N VAL A 267 6.05 29.31 22.01
CA VAL A 267 4.72 28.81 22.34
C VAL A 267 4.48 28.66 23.84
N ASN A 268 5.55 28.57 24.65
CA ASN A 268 5.42 28.55 26.10
C ASN A 268 5.21 29.92 26.70
N GLN A 269 5.50 30.99 25.96
CA GLN A 269 5.26 32.33 26.48
C GLN A 269 3.82 32.57 26.93
N ASN A 270 2.84 31.82 26.42
CA ASN A 270 1.46 31.98 26.86
C ASN A 270 1.00 30.90 27.84
N THR A 271 1.94 30.29 28.57
CA THR A 271 1.55 29.26 29.53
C THR A 271 0.84 29.85 30.74
N LYS A 272 1.15 31.10 31.09
CA LYS A 272 0.44 31.74 32.20
C LYS A 272 -1.01 32.01 31.83
N LEU A 273 -1.27 32.44 30.60
CA LEU A 273 -2.65 32.59 30.14
C LEU A 273 -3.33 31.24 30.01
N LEU A 274 -2.57 30.21 29.60
CA LEU A 274 -3.13 28.85 29.57
C LEU A 274 -3.57 28.39 30.96
N GLN A 275 -2.84 28.81 32.01
CA GLN A 275 -3.22 28.44 33.36
C GLN A 275 -4.39 29.26 33.89
N SER A 276 -4.63 30.45 33.33
CA SER A 276 -5.75 31.29 33.75
C SER A 276 -7.01 31.04 32.91
N ALA A 277 -7.02 29.98 32.12
CA ALA A 277 -8.20 29.65 31.32
C ALA A 277 -9.34 29.19 32.22
N LYS A 278 -10.56 29.39 31.75
CA LYS A 278 -11.75 29.05 32.53
C LYS A 278 -12.14 27.59 32.44
N TPO A 279 -11.70 26.90 31.40
CA TPO A 279 -12.08 25.51 31.20
CB TPO A 279 -11.85 25.08 29.76
CG2 TPO A 279 -12.11 23.59 29.61
OG1 TPO A 279 -12.88 25.72 28.96
P TPO A 279 -12.23 26.58 27.74
O1P TPO A 279 -13.31 27.65 27.24
O2P TPO A 279 -11.88 25.58 26.51
O3P TPO A 279 -10.99 27.28 28.15
C TPO A 279 -11.27 24.62 32.16
O TPO A 279 -10.06 24.46 32.00
N ILE A 280 -11.95 24.06 33.15
CA ILE A 280 -11.33 23.23 34.17
C ILE A 280 -11.70 21.76 33.94
N LEU A 281 -10.77 20.87 34.27
CA LEU A 281 -10.99 19.43 34.10
C LEU A 281 -11.73 18.85 35.30
N ARG A 282 -12.53 17.82 35.02
CA ARG A 282 -13.27 17.10 36.04
C ARG A 282 -12.54 15.84 36.52
N GLY A 283 -11.85 15.15 35.61
CA GLY A 283 -11.24 13.88 35.90
C GLY A 283 -11.86 12.73 35.15
N THR A 284 -13.04 12.92 34.58
CA THR A 284 -13.70 11.91 33.76
C THR A 284 -13.16 11.88 32.34
N GLU A 285 -12.14 12.67 32.03
CA GLU A 285 -11.58 12.70 30.68
C GLU A 285 -10.81 11.42 30.43
N GLU A 286 -11.23 10.67 29.40
CA GLU A 286 -10.55 9.43 29.05
C GLU A 286 -9.34 9.73 28.16
N LYS A 287 -8.54 8.69 27.94
CA LYS A 287 -7.35 8.82 27.12
C LYS A 287 -7.67 8.52 25.66
N CYS A 288 -6.92 9.15 24.76
CA CYS A 288 -7.09 8.96 23.32
C CYS A 288 -7.01 7.48 22.92
N HIS A 301 -8.45 4.72 12.71
CA HIS A 301 -9.05 4.48 14.02
C HIS A 301 -7.99 4.16 15.06
N LEU A 302 -6.81 3.74 14.59
CA LEU A 302 -5.70 3.41 15.49
C LEU A 302 -4.92 4.67 15.80
N PRO A 303 -4.95 5.17 17.04
CA PRO A 303 -4.29 6.44 17.34
C PRO A 303 -2.77 6.32 17.35
N ARG A 304 -2.11 7.42 17.01
CA ARG A 304 -0.66 7.54 17.06
C ARG A 304 -0.27 8.75 17.90
N ALA A 305 0.86 8.62 18.59
CA ALA A 305 1.36 9.73 19.39
C ALA A 305 2.14 10.71 18.52
N SER A 306 2.25 11.95 19.02
CA SER A 306 2.87 13.03 18.27
C SER A 306 4.35 13.21 18.58
N ALA A 307 4.94 12.34 19.40
CA ALA A 307 6.33 12.47 19.80
C ALA A 307 7.23 11.62 18.91
N VAL A 308 8.46 12.11 18.69
CA VAL A 308 9.38 11.40 17.81
C VAL A 308 9.85 10.10 18.46
N ALA A 309 10.00 10.07 19.77
CA ALA A 309 10.47 8.86 20.45
C ALA A 309 9.45 7.73 20.32
N LEU A 310 8.18 8.02 20.64
CA LEU A 310 7.14 7.02 20.50
C LEU A 310 6.95 6.61 19.04
N GLU A 311 7.16 7.55 18.11
CA GLU A 311 7.00 7.21 16.71
C GLU A 311 8.12 6.32 16.20
N VAL A 312 9.36 6.54 16.66
CA VAL A 312 10.44 5.63 16.26
C VAL A 312 10.24 4.28 16.93
N GLN A 313 9.69 4.26 18.14
CA GLN A 313 9.36 2.98 18.77
C GLN A 313 8.33 2.22 17.93
N ARG A 314 7.30 2.91 17.46
CA ARG A 314 6.29 2.26 16.61
C ARG A 314 6.89 1.79 15.29
N LEU A 315 7.69 2.64 14.64
CA LEU A 315 8.29 2.29 13.37
C LEU A 315 9.22 1.09 13.51
N ASN A 316 9.94 1.00 14.63
CA ASN A 316 10.73 -0.18 14.90
C ASN A 316 9.84 -1.39 15.14
N ALA A 317 8.74 -1.19 15.87
CA ALA A 317 7.80 -2.28 16.12
C ALA A 317 7.21 -2.83 14.84
N LEU A 318 7.24 -2.05 13.75
CA LEU A 318 6.85 -2.60 12.45
C LEU A 318 7.77 -3.74 12.05
N ASP A 319 9.07 -3.60 12.31
CA ASP A 319 10.03 -4.66 12.11
C ASP A 319 10.44 -4.89 10.65
N LEU A 320 9.59 -4.49 9.71
CA LEU A 320 9.84 -4.72 8.28
C LEU A 320 10.83 -3.68 7.78
N GLU A 321 12.09 -3.87 8.15
CA GLU A 321 13.17 -2.98 7.72
C GLU A 321 13.39 -3.06 6.22
N LYS A 323 11.16 1.16 8.31
CA LYS A 323 11.44 1.38 6.89
C LYS A 323 11.42 2.87 6.56
N ILE A 324 11.38 3.19 5.27
CA ILE A 324 11.43 4.58 4.80
C ILE A 324 10.03 5.01 4.35
N GLY A 325 9.69 6.25 4.68
CA GLY A 325 8.42 6.84 4.28
C GLY A 325 7.21 6.16 4.87
N LYS A 326 7.32 5.69 6.11
CA LYS A 326 6.24 5.00 6.79
C LYS A 326 5.69 5.82 7.96
N SER A 327 6.08 7.08 8.07
CA SER A 327 5.64 7.95 9.16
C SER A 327 5.19 9.29 8.60
N ILE A 328 3.93 9.65 8.88
CA ILE A 328 3.43 10.96 8.47
C ILE A 328 4.05 12.07 9.31
N LEU A 329 4.41 11.76 10.56
CA LEU A 329 5.03 12.75 11.43
C LEU A 329 6.35 13.25 10.84
N GLY A 330 7.13 12.34 10.24
CA GLY A 330 8.35 12.76 9.57
C GLY A 330 8.08 13.70 8.42
N LYS A 331 7.00 13.44 7.66
CA LYS A 331 6.62 14.33 6.58
C LYS A 331 6.19 15.69 7.11
N VAL A 332 5.54 15.73 8.28
CA VAL A 332 5.20 17.00 8.92
C VAL A 332 6.45 17.77 9.29
N HIS A 333 7.44 17.09 9.86
CA HIS A 333 8.70 17.75 10.19
C HIS A 333 9.41 18.26 8.93
N LEU A 334 9.36 17.49 7.85
CA LEU A 334 9.96 17.94 6.59
C LEU A 334 9.24 19.18 6.06
N ALA A 335 7.91 19.21 6.19
CA ALA A 335 7.15 20.40 5.82
C ALA A 335 7.58 21.60 6.65
N MET A 336 7.83 21.39 7.95
CA MET A 336 8.33 22.47 8.79
C MET A 336 9.69 22.96 8.30
N VAL A 337 10.57 22.04 7.91
CA VAL A 337 11.87 22.42 7.36
C VAL A 337 11.69 23.32 6.14
N ARG A 338 10.85 22.88 5.21
CA ARG A 338 10.66 23.65 3.98
C ARG A 338 9.99 25.00 4.24
N TYR A 339 9.09 25.06 5.23
CA TYR A 339 8.50 26.34 5.61
C TYR A 339 9.53 27.29 6.18
N HIS A 340 10.41 26.78 7.06
CA HIS A 340 11.51 27.59 7.57
C HIS A 340 12.37 28.11 6.43
N GLU A 341 12.72 27.24 5.48
CA GLU A 341 13.57 27.67 4.37
C GLU A 341 12.88 28.69 3.49
N GLY A 342 11.56 28.59 3.34
CA GLY A 342 10.83 29.51 2.47
C GLY A 342 10.46 30.83 3.07
N GLY A 343 10.72 31.04 4.36
CA GLY A 343 10.40 32.29 5.01
C GLY A 343 8.99 32.38 5.55
N ARG A 344 8.39 31.25 5.93
CA ARG A 344 7.02 31.26 6.44
C ARG A 344 6.93 31.59 7.92
N PHE A 345 8.01 31.39 8.68
CA PHE A 345 8.00 31.60 10.12
C PHE A 345 8.84 32.80 10.55
N CYS A 346 9.34 33.59 9.62
CA CYS A 346 10.10 34.79 9.93
C CYS A 346 9.45 36.00 9.28
N GLU A 347 9.70 37.17 9.86
CA GLU A 347 9.11 38.42 9.39
C GLU A 347 10.11 39.19 8.54
N LYS A 348 9.71 40.39 8.13
CA LYS A 348 10.55 41.24 7.29
C LYS A 348 11.75 41.78 8.06
N GLU A 350 14.13 39.79 8.67
CA GLU A 350 14.60 38.82 9.64
C GLU A 350 15.17 37.58 8.96
N GLU A 351 16.34 37.14 9.41
CA GLU A 351 16.94 35.93 8.88
C GLU A 351 16.18 34.71 9.38
N TRP A 352 15.87 33.78 8.48
CA TRP A 352 15.09 32.62 8.86
C TRP A 352 15.90 31.70 9.76
N ASP A 353 15.18 30.99 10.64
CA ASP A 353 15.80 30.18 11.70
C ASP A 353 16.36 28.91 11.08
N GLN A 354 17.68 28.87 10.90
CA GLN A 354 18.32 27.69 10.33
C GLN A 354 18.51 26.58 11.36
N GLU A 355 18.74 26.92 12.63
CA GLU A 355 18.92 25.91 13.65
C GLU A 355 17.66 25.07 13.84
N SER A 356 16.50 25.71 13.89
CA SER A 356 15.26 24.95 14.03
C SER A 356 14.93 24.16 12.76
N ALA A 357 15.30 24.69 11.60
CA ALA A 357 15.15 23.93 10.36
C ALA A 357 15.99 22.65 10.41
N VAL A 358 17.23 22.75 10.90
CA VAL A 358 18.07 21.56 11.01
C VAL A 358 17.52 20.62 12.08
N PHE A 359 16.95 21.17 13.15
CA PHE A 359 16.29 20.35 14.16
C PHE A 359 15.21 19.48 13.54
N HIS A 360 14.30 20.11 12.79
CA HIS A 360 13.21 19.34 12.18
C HIS A 360 13.70 18.44 11.06
N LEU A 361 14.82 18.80 10.40
CA LEU A 361 15.40 17.91 9.40
C LEU A 361 15.97 16.65 10.06
N GLU A 362 16.64 16.81 11.19
CA GLU A 362 17.11 15.68 11.97
C GLU A 362 15.95 14.77 12.36
N HIS A 363 14.86 15.38 12.85
CA HIS A 363 13.71 14.58 13.24
C HIS A 363 13.10 13.84 12.04
N ALA A 364 12.97 14.53 10.90
CA ALA A 364 12.45 13.88 9.70
C ALA A 364 13.34 12.72 9.26
N ALA A 365 14.66 12.90 9.37
CA ALA A 365 15.57 11.83 8.98
C ALA A 365 15.45 10.63 9.90
N ASN A 366 15.34 10.87 11.21
CA ASN A 366 15.17 9.76 12.15
C ASN A 366 13.86 9.03 11.96
N LEU A 367 12.88 9.66 11.30
CA LEU A 367 11.58 9.05 11.05
C LEU A 367 11.48 8.43 9.66
N GLY A 368 12.59 8.32 8.94
CA GLY A 368 12.61 7.58 7.69
C GLY A 368 12.26 8.36 6.45
N GLU A 369 12.49 9.68 6.44
CA GLU A 369 12.28 10.49 5.25
C GLU A 369 13.57 10.48 4.43
N LEU A 370 13.54 9.83 3.27
CA LEU A 370 14.74 9.63 2.47
C LEU A 370 15.37 10.95 2.07
N GLU A 371 14.54 11.94 1.72
CA GLU A 371 15.08 13.25 1.37
C GLU A 371 15.86 13.84 2.54
N ALA A 372 15.33 13.71 3.77
CA ALA A 372 16.04 14.22 4.94
C ALA A 372 17.35 13.47 5.16
N ILE A 373 17.35 12.16 4.93
CA ILE A 373 18.56 11.38 5.14
C ILE A 373 19.64 11.78 4.14
N VAL A 374 19.27 11.93 2.86
CA VAL A 374 20.22 12.38 1.86
C VAL A 374 20.72 13.79 2.19
N GLY A 375 19.80 14.68 2.56
CA GLY A 375 20.20 16.04 2.91
C GLY A 375 21.21 16.07 4.04
N LEU A 376 20.95 15.32 5.11
CA LEU A 376 21.86 15.33 6.24
C LEU A 376 23.17 14.61 5.91
N GLY A 377 23.13 13.59 5.06
CA GLY A 377 24.38 12.97 4.62
C GLY A 377 25.24 13.93 3.82
N LEU A 378 24.62 14.75 2.98
CA LEU A 378 25.38 15.73 2.22
C LEU A 378 25.87 16.87 3.11
N MET A 379 25.05 17.29 4.07
CA MET A 379 25.42 18.41 4.93
C MET A 379 26.53 18.04 5.89
N TYR A 380 26.43 16.87 6.53
CA TYR A 380 27.49 16.43 7.43
C TYR A 380 28.76 16.05 6.70
N SER A 381 28.68 15.74 5.42
CA SER A 381 29.86 15.47 4.60
C SER A 381 30.43 16.74 3.97
N GLN A 382 29.92 17.91 4.36
CA GLN A 382 30.36 19.20 3.81
C GLN A 382 30.19 19.25 2.30
N LEU A 383 29.13 18.63 1.81
CA LEU A 383 28.85 18.53 0.39
C LEU A 383 27.69 19.46 0.00
N PRO A 384 27.55 19.79 -1.28
CA PRO A 384 26.39 20.57 -1.72
C PRO A 384 25.12 19.75 -1.61
N HIS A 385 24.02 20.45 -1.29
CA HIS A 385 22.76 19.80 -1.01
C HIS A 385 21.63 20.68 -1.50
N HIS A 386 20.45 20.07 -1.67
CA HIS A 386 19.29 20.79 -2.18
C HIS A 386 18.46 21.41 -1.06
N ILE A 387 17.88 20.57 -0.19
CA ILE A 387 17.13 21.09 0.94
C ILE A 387 18.07 21.79 1.91
N LEU A 388 17.68 22.99 2.36
CA LEU A 388 18.51 23.82 3.23
C LEU A 388 19.87 24.09 2.57
N ALA A 389 19.84 24.45 1.29
CA ALA A 389 21.07 24.57 0.51
C ALA A 389 22.04 25.56 1.12
N ASP A 390 21.54 26.69 1.63
CA ASP A 390 22.41 27.75 2.14
C ASP A 390 22.91 27.48 3.55
N VAL A 391 22.60 26.33 4.13
CA VAL A 391 23.06 25.98 5.47
C VAL A 391 24.29 25.09 5.34
N SER A 392 25.37 25.50 6.00
CA SER A 392 26.61 24.72 6.06
C SER A 392 26.87 24.37 7.52
N LEU A 393 26.94 23.08 7.82
CA LEU A 393 27.14 22.63 9.18
C LEU A 393 28.63 22.62 9.54
N LYS A 394 28.91 22.79 10.82
CA LYS A 394 30.29 22.73 11.29
C LYS A 394 30.87 21.36 11.01
N GLU A 395 32.18 21.32 10.76
CA GLU A 395 32.88 20.10 10.38
C GLU A 395 33.54 19.50 11.61
N THR A 396 33.18 18.25 11.93
CA THR A 396 33.82 17.49 12.98
C THR A 396 34.00 16.05 12.49
N GLU A 397 34.77 15.27 13.25
CA GLU A 397 34.93 13.85 12.92
C GLU A 397 33.62 13.11 13.12
N GLU A 398 32.92 13.40 14.21
CA GLU A 398 31.58 12.86 14.41
C GLU A 398 30.68 13.19 13.24
N ASN A 399 30.78 14.41 12.72
CA ASN A 399 29.96 14.80 11.57
C ASN A 399 30.37 14.04 10.31
N LYS A 400 31.64 13.71 10.15
CA LYS A 400 32.06 12.94 8.98
C LYS A 400 31.52 11.52 9.05
N THR A 401 31.64 10.89 10.22
CA THR A 401 31.05 9.56 10.42
C THR A 401 29.54 9.61 10.20
N LYS A 402 28.87 10.63 10.73
CA LYS A 402 27.42 10.76 10.57
C LYS A 402 27.04 10.95 9.12
N GLY A 403 27.81 11.75 8.38
CA GLY A 403 27.53 11.96 6.96
C GLY A 403 27.66 10.67 6.17
N PHE A 404 28.74 9.92 6.39
CA PHE A 404 28.89 8.67 5.66
C PHE A 404 27.81 7.67 6.06
N ASP A 405 27.42 7.64 7.33
CA ASP A 405 26.38 6.71 7.76
C ASP A 405 25.04 7.06 7.13
N TYR A 406 24.70 8.35 7.09
CA TYR A 406 23.46 8.77 6.43
C TYR A 406 23.50 8.46 4.94
N LEU A 407 24.65 8.68 4.29
CA LEU A 407 24.74 8.39 2.87
C LEU A 407 24.62 6.89 2.60
N LEU A 408 25.21 6.06 3.45
CA LEU A 408 25.09 4.62 3.28
C LEU A 408 23.65 4.16 3.51
N LYS A 409 22.99 4.70 4.53
CA LYS A 409 21.59 4.36 4.76
C LYS A 409 20.72 4.77 3.58
N ALA A 410 20.97 5.95 3.01
CA ALA A 410 20.23 6.37 1.83
C ALA A 410 20.55 5.50 0.62
N ALA A 411 21.79 5.03 0.51
CA ALA A 411 22.16 4.16 -0.59
C ALA A 411 21.44 2.82 -0.49
N GLU A 412 21.40 2.23 0.70
CA GLU A 412 20.65 1.00 0.91
C GLU A 412 19.14 1.21 0.83
N ALA A 413 18.68 2.47 0.88
CA ALA A 413 17.26 2.78 0.75
C ALA A 413 16.86 3.10 -0.69
N GLY A 414 17.79 3.06 -1.63
CA GLY A 414 17.48 3.18 -3.03
C GLY A 414 17.85 4.49 -3.71
N ASP A 415 18.58 5.38 -3.04
CA ASP A 415 18.97 6.65 -3.64
C ASP A 415 20.22 6.46 -4.50
N ARG A 416 20.12 6.84 -5.78
CA ARG A 416 21.22 6.58 -6.71
C ARG A 416 22.40 7.51 -6.46
N GLN A 417 22.12 8.79 -6.17
CA GLN A 417 23.19 9.73 -5.87
C GLN A 417 24.00 9.26 -4.66
N SER A 418 23.31 8.82 -3.60
CA SER A 418 24.01 8.32 -2.42
C SER A 418 24.76 7.04 -2.72
N MET A 419 24.23 6.20 -3.62
CA MET A 419 24.92 4.98 -3.99
C MET A 419 26.22 5.29 -4.72
N ILE A 420 26.19 6.27 -5.64
CA ILE A 420 27.40 6.66 -6.34
C ILE A 420 28.40 7.30 -5.38
N LEU A 421 27.92 8.09 -4.43
CA LEU A 421 28.83 8.70 -3.46
C LEU A 421 29.50 7.66 -2.58
N VAL A 422 28.74 6.65 -2.13
CA VAL A 422 29.33 5.59 -1.32
C VAL A 422 30.31 4.77 -2.15
N ALA A 423 29.99 4.54 -3.43
CA ALA A 423 30.91 3.83 -4.30
C ALA A 423 32.23 4.60 -4.45
N ARG A 424 32.14 5.91 -4.67
CA ARG A 424 33.35 6.72 -4.78
C ARG A 424 34.11 6.78 -3.46
N ALA A 425 33.40 6.74 -2.33
CA ALA A 425 34.06 6.72 -1.04
C ALA A 425 34.86 5.43 -0.85
N PHE A 426 34.28 4.30 -1.21
CA PHE A 426 35.01 3.04 -1.12
C PHE A 426 36.09 2.90 -2.19
N ASP A 427 35.99 3.67 -3.28
CA ASP A 427 36.97 3.60 -4.35
C ASP A 427 38.19 4.49 -4.07
N SER A 428 37.97 5.80 -4.02
CA SER A 428 39.06 6.76 -3.88
C SER A 428 39.28 7.22 -2.44
N GLY A 429 38.33 7.00 -1.55
CA GLY A 429 38.38 7.53 -0.21
C GLY A 429 37.65 8.85 -0.04
N GLN A 430 37.15 9.42 -1.13
CA GLN A 430 36.47 10.71 -1.07
C GLN A 430 35.19 10.60 -0.25
N ASN A 431 35.11 11.39 0.82
CA ASN A 431 33.96 11.44 1.72
C ASN A 431 33.79 10.15 2.52
N LEU A 432 34.84 9.34 2.61
CA LEU A 432 34.80 8.11 3.39
C LEU A 432 35.03 8.42 4.87
N SER A 433 34.21 7.83 5.72
CA SER A 433 34.36 8.02 7.16
C SER A 433 35.72 7.51 7.62
N PRO A 434 36.35 8.19 8.59
CA PRO A 434 37.65 7.72 9.08
C PRO A 434 37.62 6.33 9.68
N ASP A 435 36.48 5.92 10.24
CA ASP A 435 36.34 4.59 10.83
C ASP A 435 36.26 3.47 9.79
N ARG A 436 36.12 3.81 8.51
CA ARG A 436 36.01 2.84 7.43
C ARG A 436 37.31 2.82 6.63
N CYS A 437 37.38 1.85 5.71
CA CYS A 437 38.58 1.66 4.90
C CYS A 437 38.16 1.47 3.44
N GLN A 438 39.06 1.87 2.55
CA GLN A 438 38.83 1.69 1.12
C GLN A 438 38.68 0.21 0.80
N ASP A 439 37.55 -0.13 0.17
CA ASP A 439 37.21 -1.51 -0.15
C ASP A 439 36.69 -1.54 -1.58
N TRP A 440 37.51 -2.05 -2.50
CA TRP A 440 37.14 -2.00 -3.91
C TRP A 440 36.07 -3.03 -4.28
N LEU A 441 35.94 -4.11 -3.52
CA LEU A 441 34.82 -5.01 -3.74
C LEU A 441 33.50 -4.34 -3.38
N GLU A 442 33.48 -3.61 -2.26
CA GLU A 442 32.28 -2.89 -1.87
C GLU A 442 31.99 -1.74 -2.83
N ALA A 443 33.05 -1.07 -3.30
CA ALA A 443 32.86 0.00 -4.29
C ALA A 443 32.32 -0.56 -5.58
N LEU A 444 32.79 -1.74 -5.99
CA LEU A 444 32.23 -2.39 -7.17
C LEU A 444 30.76 -2.74 -6.97
N HIS A 445 30.43 -3.25 -5.77
CA HIS A 445 29.04 -3.54 -5.46
C HIS A 445 28.16 -2.30 -5.62
N TRP A 446 28.62 -1.16 -5.10
CA TRP A 446 27.79 0.04 -5.15
C TRP A 446 27.74 0.63 -6.56
N TYR A 447 28.86 0.61 -7.28
CA TYR A 447 28.85 1.00 -8.68
C TYR A 447 27.85 0.19 -9.48
N ASN A 448 27.81 -1.12 -9.26
CA ASN A 448 26.90 -1.97 -10.02
C ASN A 448 25.45 -1.77 -9.59
N THR A 449 25.22 -1.54 -8.29
CA THR A 449 23.88 -1.21 -7.83
C THR A 449 23.39 0.09 -8.47
N ALA A 450 24.29 1.04 -8.68
CA ALA A 450 23.92 2.26 -9.39
C ALA A 450 23.64 1.98 -10.87
N LEU A 451 24.49 1.17 -11.50
CA LEU A 451 24.33 0.91 -12.93
C LEU A 451 23.08 0.11 -13.25
N GLU A 452 22.65 -0.76 -12.34
CA GLU A 452 21.44 -1.54 -12.56
C GLU A 452 20.17 -0.75 -12.30
N MET A 453 20.27 0.40 -11.63
CA MET A 453 19.11 1.24 -11.39
C MET A 453 18.77 2.07 -12.62
N THR A 454 19.77 2.68 -13.24
CA THR A 454 19.60 3.47 -14.45
C THR A 454 20.94 3.74 -15.13
N GLU A 468 29.17 10.21 -14.22
CA GLU A 468 27.71 10.16 -14.20
C GLU A 468 27.11 9.27 -15.30
N PRO A 469 27.57 9.40 -16.56
CA PRO A 469 27.09 8.47 -17.60
C PRO A 469 27.49 7.03 -17.30
N ARG A 470 26.70 6.10 -17.84
CA ARG A 470 26.93 4.69 -17.59
C ARG A 470 28.34 4.25 -17.99
N TYR A 471 28.82 4.70 -19.15
CA TYR A 471 30.12 4.23 -19.61
C TYR A 471 31.25 4.69 -18.68
N MET A 472 31.08 5.83 -18.02
CA MET A 472 32.09 6.28 -17.06
C MET A 472 32.25 5.30 -15.90
N MET A 473 31.13 4.91 -15.28
CA MET A 473 31.20 3.98 -14.16
C MET A 473 31.62 2.58 -14.62
N LEU A 474 31.16 2.15 -15.79
CA LEU A 474 31.59 0.87 -16.33
C LEU A 474 33.10 0.86 -16.56
N ALA A 475 33.64 1.94 -17.10
CA ALA A 475 35.09 2.03 -17.32
C ALA A 475 35.84 2.13 -16.00
N ARG A 476 35.24 2.73 -14.98
CA ARG A 476 35.89 2.77 -13.67
C ARG A 476 35.99 1.36 -13.08
N GLU A 477 34.90 0.59 -13.16
CA GLU A 477 34.95 -0.82 -12.75
C GLU A 477 35.99 -1.58 -13.56
N ALA A 478 36.06 -1.32 -14.86
CA ALA A 478 37.03 -1.99 -15.71
C ALA A 478 38.47 -1.67 -15.29
N GLU A 479 38.75 -0.40 -14.99
CA GLU A 479 40.07 -0.02 -14.48
C GLU A 479 40.38 -0.75 -13.19
N MET A 480 39.43 -0.73 -12.25
CA MET A 480 39.66 -1.36 -10.95
C MET A 480 39.95 -2.84 -11.08
N LEU A 481 39.25 -3.52 -12.00
CA LEU A 481 39.52 -4.93 -12.22
C LEU A 481 40.78 -5.17 -13.04
N PHE A 482 41.20 -4.21 -13.86
CA PHE A 482 42.45 -4.34 -14.60
C PHE A 482 43.64 -4.26 -13.66
N THR A 483 43.62 -3.34 -12.72
CA THR A 483 44.74 -3.24 -11.78
C THR A 483 44.52 -4.11 -10.55
N GLY A 484 43.35 -4.02 -9.93
CA GLY A 484 43.13 -4.64 -8.65
C GLY A 484 43.67 -3.80 -7.51
N GLY A 485 43.22 -4.13 -6.31
CA GLY A 485 43.69 -3.46 -5.10
C GLY A 485 42.56 -3.26 -4.11
N TYR A 486 42.95 -2.97 -2.87
CA TYR A 486 42.01 -2.67 -1.79
C TYR A 486 41.01 -3.81 -1.58
N GLY A 487 41.51 -5.04 -1.63
CA GLY A 487 40.71 -6.23 -1.42
C GLY A 487 40.28 -6.93 -2.71
N LEU A 488 40.19 -6.19 -3.81
CA LEU A 488 39.75 -6.76 -5.08
C LEU A 488 40.95 -7.31 -5.83
N GLU A 489 40.84 -8.57 -6.27
CA GLU A 489 41.91 -9.22 -7.01
C GLU A 489 41.81 -8.89 -8.50
N LYS A 490 42.98 -8.75 -9.14
CA LYS A 490 43.04 -8.44 -10.56
C LYS A 490 42.29 -9.49 -11.37
N ASP A 491 41.36 -9.04 -12.20
CA ASP A 491 40.54 -9.91 -13.04
C ASP A 491 40.55 -9.36 -14.46
N PRO A 492 41.50 -9.79 -15.30
CA PRO A 492 41.54 -9.29 -16.68
C PRO A 492 40.33 -9.66 -17.51
N GLN A 493 39.74 -10.84 -17.29
CA GLN A 493 38.58 -11.24 -18.07
C GLN A 493 37.40 -10.31 -17.84
N ARG A 494 37.03 -10.12 -16.57
CA ARG A 494 35.92 -9.22 -16.26
C ARG A 494 36.26 -7.77 -16.59
N SER A 495 37.54 -7.40 -16.50
CA SER A 495 37.96 -6.05 -16.89
C SER A 495 37.68 -5.82 -18.38
N GLY A 496 38.05 -6.80 -19.22
CA GLY A 496 37.75 -6.68 -20.63
C GLY A 496 36.26 -6.70 -20.92
N ASP A 497 35.52 -7.55 -20.20
CA ASP A 497 34.07 -7.57 -20.39
C ASP A 497 33.43 -6.23 -20.05
N LEU A 498 33.89 -5.60 -18.97
CA LEU A 498 33.32 -4.31 -18.58
C LEU A 498 33.77 -3.20 -19.50
N TYR A 499 35.00 -3.27 -20.03
CA TYR A 499 35.40 -2.32 -21.05
C TYR A 499 34.55 -2.47 -22.31
N THR A 500 34.18 -3.71 -22.65
CA THR A 500 33.28 -3.93 -23.78
C THR A 500 31.90 -3.34 -23.50
N GLN A 501 31.38 -3.55 -22.29
CA GLN A 501 30.10 -2.93 -21.91
C GLN A 501 30.18 -1.42 -21.98
N ALA A 502 31.30 -0.84 -21.55
CA ALA A 502 31.48 0.60 -21.59
C ALA A 502 31.60 1.10 -23.03
N ALA A 503 32.19 0.30 -23.92
CA ALA A 503 32.24 0.69 -25.33
C ALA A 503 30.86 0.65 -25.95
N GLU A 504 30.05 -0.35 -25.59
CA GLU A 504 28.69 -0.42 -26.10
C GLU A 504 27.82 0.69 -25.50
N ALA A 505 28.17 1.16 -24.30
CA ALA A 505 27.49 2.30 -23.69
C ALA A 505 28.00 3.64 -24.19
N ALA A 506 29.23 3.70 -24.73
CA ALA A 506 29.69 4.93 -25.37
C ALA A 506 28.95 5.12 -26.68
N MET A 507 28.75 4.02 -27.42
CA MET A 507 27.73 4.01 -28.44
C MET A 507 26.40 4.20 -27.72
N GLU A 508 25.35 4.51 -28.45
CA GLU A 508 24.05 4.78 -27.85
C GLU A 508 24.14 6.07 -27.05
N ALA A 509 25.15 6.91 -27.36
CA ALA A 509 25.46 8.17 -26.72
C ALA A 509 26.34 9.00 -27.66
N MET A 510 26.48 8.50 -28.90
CA MET A 510 27.20 9.19 -29.97
C MET A 510 28.65 9.50 -29.59
N LYS A 511 29.30 8.56 -28.90
CA LYS A 511 30.71 8.71 -28.51
C LYS A 511 31.53 7.61 -29.21
N GLY A 512 31.70 7.75 -30.52
CA GLY A 512 32.38 6.72 -31.29
C GLY A 512 33.82 6.52 -30.86
N ARG A 513 34.61 7.61 -30.84
CA ARG A 513 36.03 7.51 -30.50
C ARG A 513 36.21 6.98 -29.08
N LEU A 514 35.30 7.34 -28.18
CA LEU A 514 35.34 6.81 -26.82
C LEU A 514 35.11 5.30 -26.82
N ALA A 515 34.15 4.82 -27.62
CA ALA A 515 33.91 3.38 -27.71
C ALA A 515 35.12 2.67 -28.31
N ASN A 516 35.76 3.29 -29.30
CA ASN A 516 36.96 2.69 -29.89
C ASN A 516 38.07 2.57 -28.85
N GLN A 517 38.25 3.62 -28.02
CA GLN A 517 39.25 3.54 -26.96
C GLN A 517 38.88 2.47 -25.93
N TYR A 518 37.58 2.32 -25.62
CA TYR A 518 37.17 1.30 -24.67
C TYR A 518 37.38 -0.11 -25.23
N TYR A 519 37.12 -0.30 -26.52
CA TYR A 519 37.41 -1.58 -27.16
C TYR A 519 38.90 -1.87 -27.15
N GLN A 520 39.72 -0.85 -27.40
CA GLN A 520 41.17 -1.03 -27.32
C GLN A 520 41.59 -1.41 -25.91
N LYS A 521 41.00 -0.78 -24.90
CA LYS A 521 41.34 -1.11 -23.52
C LYS A 521 40.85 -2.50 -23.14
N ALA A 522 39.72 -2.95 -23.71
CA ALA A 522 39.26 -4.32 -23.49
C ALA A 522 40.25 -5.31 -24.08
N GLU A 523 40.71 -5.05 -25.31
CA GLU A 523 41.73 -5.90 -25.92
C GLU A 523 43.00 -5.92 -25.07
N GLU A 524 43.39 -4.76 -24.52
CA GLU A 524 44.56 -4.70 -23.66
C GLU A 524 44.37 -5.57 -22.42
N ALA A 525 43.20 -5.46 -21.77
CA ALA A 525 42.92 -6.26 -20.59
C ALA A 525 42.96 -7.75 -20.91
N TRP A 526 42.38 -8.16 -22.04
CA TRP A 526 42.39 -9.57 -22.41
C TRP A 526 43.78 -10.05 -22.80
N ALA A 527 44.64 -9.16 -23.31
CA ALA A 527 45.97 -9.57 -23.76
C ALA A 527 46.84 -10.08 -22.62
N GLN A 528 46.55 -9.69 -21.38
CA GLN A 528 47.36 -10.17 -20.26
C GLN A 528 47.15 -11.66 -19.98
N MET A 529 46.06 -12.24 -20.45
CA MET A 529 45.76 -13.64 -20.16
C MET A 529 46.45 -14.59 -21.12
N GLU A 530 47.05 -14.09 -22.19
CA GLU A 530 47.83 -14.90 -23.12
C GLU A 530 49.33 -14.69 -22.94
N GLU A 531 49.73 -13.75 -22.09
CA GLU A 531 51.13 -13.39 -21.88
C GLU A 531 51.79 -13.02 -23.20
N ASP B 78 -54.15 15.10 20.53
CA ASP B 78 -53.18 14.05 20.32
C ASP B 78 -52.37 14.29 19.04
N THR B 79 -53.04 14.82 18.02
CA THR B 79 -52.36 15.12 16.77
C THR B 79 -51.50 16.37 16.91
N ASP B 80 -52.09 17.46 17.42
CA ASP B 80 -51.34 18.70 17.60
C ASP B 80 -50.33 18.59 18.74
N SER B 81 -50.56 17.69 19.71
CA SER B 81 -49.54 17.43 20.71
C SER B 81 -48.29 16.83 20.06
N GLU B 82 -48.48 15.85 19.17
CA GLU B 82 -47.35 15.30 18.41
C GLU B 82 -46.65 16.40 17.62
N GLU B 83 -47.41 17.24 16.92
CA GLU B 83 -46.81 18.35 16.19
C GLU B 83 -46.09 19.31 17.15
N GLU B 84 -46.67 19.52 18.34
CA GLU B 84 -46.00 20.35 19.33
C GLU B 84 -44.70 19.71 19.80
N ILE B 85 -44.69 18.38 19.97
CA ILE B 85 -43.47 17.70 20.39
C ILE B 85 -42.40 17.80 19.31
N ARG B 86 -42.80 17.67 18.04
CA ARG B 86 -41.85 17.86 16.94
C ARG B 86 -41.32 19.30 16.92
N GLU B 87 -42.19 20.28 17.18
CA GLU B 87 -41.73 21.65 17.31
C GLU B 87 -40.75 21.80 18.46
N ALA B 88 -41.05 21.17 19.60
CA ALA B 88 -40.14 21.24 20.75
C ALA B 88 -38.80 20.59 20.45
N PHE B 89 -38.79 19.52 19.64
CA PHE B 89 -37.52 18.89 19.29
C PHE B 89 -36.68 19.81 18.42
N ARG B 90 -37.30 20.53 17.49
CA ARG B 90 -36.55 21.45 16.63
C ARG B 90 -36.01 22.64 17.41
N VAL B 91 -36.56 22.95 18.58
CA VAL B 91 -36.00 24.02 19.40
C VAL B 91 -34.59 23.69 19.84
N PHE B 92 -34.36 22.43 20.22
CA PHE B 92 -33.07 22.03 20.77
C PHE B 92 -32.14 21.41 19.72
N ASP B 93 -32.68 20.76 18.70
CA ASP B 93 -31.87 20.23 17.60
C ASP B 93 -31.48 21.42 16.73
N LYS B 94 -30.42 22.11 17.17
CA LYS B 94 -30.08 23.42 16.58
C LYS B 94 -29.69 23.28 15.11
N ASP B 95 -28.97 22.22 14.76
CA ASP B 95 -28.51 22.04 13.38
C ASP B 95 -29.45 21.18 12.55
N GLY B 96 -30.50 20.64 13.16
CA GLY B 96 -31.50 19.89 12.40
C GLY B 96 -31.03 18.59 11.80
N ASN B 97 -30.03 17.95 12.40
CA ASN B 97 -29.58 16.64 11.92
C ASN B 97 -30.38 15.50 12.53
N GLY B 98 -31.27 15.78 13.47
CA GLY B 98 -32.08 14.75 14.09
C GLY B 98 -31.63 14.31 15.47
N TYR B 99 -30.64 14.98 16.05
CA TYR B 99 -30.07 14.59 17.34
C TYR B 99 -29.74 15.83 18.14
N ILE B 100 -30.15 15.84 19.42
CA ILE B 100 -29.84 16.94 20.32
C ILE B 100 -28.53 16.59 21.02
N SER B 101 -27.49 17.35 20.73
CA SER B 101 -26.20 17.13 21.37
C SER B 101 -26.07 18.00 22.61
N ALA B 102 -25.04 17.70 23.42
CA ALA B 102 -24.80 18.48 24.63
C ALA B 102 -24.43 19.91 24.30
N ALA B 103 -23.62 20.12 23.26
CA ALA B 103 -23.27 21.47 22.85
C ALA B 103 -24.50 22.24 22.39
N GLU B 104 -25.38 21.60 21.62
CA GLU B 104 -26.60 22.25 21.17
C GLU B 104 -27.50 22.62 22.35
N LEU B 105 -27.63 21.72 23.33
CA LEU B 105 -28.45 22.03 24.49
C LEU B 105 -27.86 23.16 25.30
N ARG B 106 -26.54 23.17 25.47
CA ARG B 106 -25.87 24.28 26.15
C ARG B 106 -26.15 25.60 25.44
N HIS B 107 -25.99 25.61 24.11
CA HIS B 107 -26.24 26.81 23.33
C HIS B 107 -27.68 27.29 23.47
N VAL B 108 -28.63 26.37 23.38
CA VAL B 108 -30.04 26.75 23.44
C VAL B 108 -30.41 27.26 24.82
N MET B 109 -29.92 26.58 25.87
CA MET B 109 -30.20 27.03 27.23
C MET B 109 -29.61 28.41 27.49
N THR B 110 -28.37 28.65 27.05
CA THR B 110 -27.76 29.96 27.25
C THR B 110 -28.47 31.03 26.46
N ASN B 111 -28.92 30.71 25.24
CA ASN B 111 -29.61 31.72 24.42
C ASN B 111 -30.98 32.06 25.01
N LEU B 112 -31.66 31.10 25.61
CA LEU B 112 -33.00 31.35 26.15
C LEU B 112 -32.98 31.96 27.54
N GLY B 113 -31.81 32.21 28.12
CA GLY B 113 -31.76 32.78 29.45
C GLY B 113 -32.06 31.81 30.57
N GLU B 114 -32.18 30.52 30.28
CA GLU B 114 -32.32 29.52 31.33
C GLU B 114 -30.99 29.42 32.09
N LYS B 115 -31.07 29.19 33.39
CA LYS B 115 -29.90 29.16 34.26
C LYS B 115 -29.62 27.72 34.68
N LEU B 116 -28.88 27.00 33.83
CA LEU B 116 -28.48 25.63 34.09
C LEU B 116 -26.97 25.53 33.94
N THR B 117 -26.31 24.78 34.81
CA THR B 117 -24.87 24.64 34.66
C THR B 117 -24.55 23.57 33.63
N ASP B 118 -23.29 23.56 33.16
CA ASP B 118 -22.88 22.60 32.15
C ASP B 118 -23.07 21.17 32.63
N GLU B 119 -22.83 20.93 33.93
CA GLU B 119 -23.05 19.59 34.46
C GLU B 119 -24.52 19.21 34.37
N GLU B 120 -25.42 20.17 34.59
CA GLU B 120 -26.84 19.88 34.51
C GLU B 120 -27.27 19.59 33.08
N VAL B 121 -26.66 20.28 32.11
CA VAL B 121 -26.99 20.05 30.71
C VAL B 121 -26.53 18.66 30.28
N ASP B 122 -25.28 18.30 30.64
CA ASP B 122 -24.80 16.98 30.29
C ASP B 122 -25.65 15.90 30.98
N GLU B 123 -26.13 16.18 32.19
CA GLU B 123 -26.97 15.20 32.86
C GLU B 123 -28.35 15.09 32.21
N MET B 124 -28.88 16.19 31.68
CA MET B 124 -30.13 16.11 30.93
C MET B 124 -29.97 15.20 29.72
N ILE B 125 -28.89 15.41 28.96
CA ILE B 125 -28.66 14.57 27.79
C ILE B 125 -28.53 13.11 28.22
N ARG B 126 -27.75 12.86 29.27
CA ARG B 126 -27.56 11.49 29.76
C ARG B 126 -28.88 10.85 30.15
N GLU B 127 -29.70 11.58 30.90
CA GLU B 127 -30.98 11.04 31.36
C GLU B 127 -31.86 10.64 30.17
N ALA B 128 -31.95 11.50 29.16
CA ALA B 128 -32.80 11.14 28.04
C ALA B 128 -32.14 10.18 27.05
N ASP B 129 -30.83 9.92 27.20
CA ASP B 129 -30.11 9.07 26.25
C ASP B 129 -30.23 7.61 26.65
N ILE B 130 -31.21 6.94 26.07
CA ILE B 130 -31.46 5.54 26.37
C ILE B 130 -30.48 4.65 25.62
N ASP B 131 -30.19 4.98 24.36
CA ASP B 131 -29.34 4.14 23.54
C ASP B 131 -27.88 4.26 23.93
N GLY B 132 -27.45 5.42 24.39
CA GLY B 132 -26.09 5.63 24.83
C GLY B 132 -25.14 6.19 23.77
N ASP B 133 -25.62 6.97 22.81
CA ASP B 133 -24.79 7.56 21.78
C ASP B 133 -24.29 8.95 22.16
N GLY B 134 -24.62 9.43 23.35
CA GLY B 134 -24.23 10.75 23.77
C GLY B 134 -25.16 11.84 23.29
N GLN B 135 -26.24 11.49 22.59
CA GLN B 135 -27.16 12.47 22.05
C GLN B 135 -28.59 11.97 22.26
N VAL B 136 -29.55 12.86 22.01
CA VAL B 136 -30.97 12.58 22.19
C VAL B 136 -31.63 12.65 20.82
N ASN B 137 -32.13 11.52 20.34
CA ASN B 137 -32.87 11.50 19.09
C ASN B 137 -34.34 11.86 19.35
N TYR B 138 -35.14 11.85 18.28
CA TYR B 138 -36.54 12.25 18.43
C TYR B 138 -37.33 11.21 19.22
N GLU B 139 -37.02 9.93 19.04
CA GLU B 139 -37.71 8.88 19.79
C GLU B 139 -37.51 9.05 21.28
N GLU B 140 -36.26 9.23 21.71
CA GLU B 140 -35.98 9.42 23.13
C GLU B 140 -36.56 10.73 23.64
N PHE B 141 -36.60 11.77 22.80
CA PHE B 141 -37.23 13.02 23.20
C PHE B 141 -38.72 12.81 23.47
N VAL B 142 -39.38 12.01 22.63
CA VAL B 142 -40.79 11.69 22.84
C VAL B 142 -40.95 10.87 24.13
N GLN B 143 -40.09 9.87 24.33
CA GLN B 143 -40.14 9.08 25.55
C GLN B 143 -40.04 9.97 26.78
N MET B 144 -39.16 10.97 26.74
CA MET B 144 -38.99 11.86 27.88
C MET B 144 -40.19 12.79 28.05
N MET B 145 -40.73 13.32 26.95
CA MET B 145 -41.84 14.27 27.05
C MET B 145 -43.14 13.57 27.41
N THR B 146 -43.43 12.43 26.77
CA THR B 146 -44.62 11.64 27.05
C THR B 146 -44.29 10.64 28.16
N ALA B 147 -44.18 11.15 29.39
CA ALA B 147 -43.76 10.32 30.51
C ALA B 147 -44.78 10.41 31.63
N LYS B 148 -44.68 9.46 32.55
CA LYS B 148 -45.60 9.34 33.69
C LYS B 148 -45.53 10.59 34.58
N PHE C 10 26.78 -44.12 -35.37
CA PHE C 10 27.08 -42.82 -34.77
C PHE C 10 27.75 -41.88 -35.76
N HIS C 11 27.09 -40.77 -36.07
CA HIS C 11 27.59 -39.82 -37.06
C HIS C 11 28.22 -38.58 -36.44
N PHE C 12 28.42 -38.56 -35.11
CA PHE C 12 28.97 -37.39 -34.44
C PHE C 12 30.04 -37.73 -33.40
N LYS C 13 30.47 -38.99 -33.32
CA LYS C 13 31.52 -39.38 -32.39
C LYS C 13 32.77 -38.52 -32.58
N GLU C 14 33.05 -38.15 -33.83
CA GLU C 14 34.26 -37.41 -34.14
C GLU C 14 34.21 -36.03 -33.52
N ALA C 15 33.00 -35.45 -33.47
CA ALA C 15 32.82 -34.15 -32.82
C ALA C 15 33.08 -34.26 -31.33
N TRP C 16 32.54 -35.30 -30.68
CA TRP C 16 32.78 -35.49 -29.26
C TRP C 16 34.27 -35.59 -28.96
N LYS C 17 34.99 -36.38 -29.74
CA LYS C 17 36.40 -36.61 -29.44
C LYS C 17 37.25 -35.37 -29.76
N HIS C 18 36.91 -34.66 -30.84
CA HIS C 18 37.62 -33.43 -31.15
C HIS C 18 37.39 -32.38 -30.07
N ALA C 19 36.17 -32.30 -29.53
CA ALA C 19 35.90 -31.36 -28.45
C ALA C 19 36.65 -31.75 -27.19
N ILE C 20 36.75 -33.05 -26.91
CA ILE C 20 37.49 -33.50 -25.73
C ILE C 20 38.96 -33.10 -25.86
N GLN C 21 39.52 -33.23 -27.07
CA GLN C 21 40.93 -32.88 -27.25
C GLN C 21 41.13 -31.38 -27.15
N LYS C 22 40.19 -30.59 -27.70
CA LYS C 22 40.29 -29.13 -27.57
C LYS C 22 40.26 -28.71 -26.11
N ALA C 23 39.37 -29.33 -25.33
CA ALA C 23 39.29 -29.01 -23.90
C ALA C 23 40.58 -29.38 -23.18
N LYS C 24 41.18 -30.51 -23.59
CA LYS C 24 42.43 -30.96 -22.98
C LYS C 24 43.52 -29.89 -23.03
N HIS C 25 43.55 -29.09 -24.10
CA HIS C 25 44.57 -28.07 -24.30
C HIS C 25 44.06 -26.65 -24.09
N MET C 26 42.92 -26.50 -23.42
CA MET C 26 42.34 -25.22 -23.06
C MET C 26 42.92 -24.71 -21.74
N PRO C 27 43.28 -23.44 -21.64
CA PRO C 27 43.86 -22.93 -20.39
C PRO C 27 42.82 -22.76 -19.31
N ASP C 28 43.25 -22.97 -18.07
CA ASP C 28 42.37 -22.81 -16.92
C ASP C 28 42.11 -21.32 -16.68
N PRO C 29 40.87 -20.85 -16.78
CA PRO C 29 40.60 -19.40 -16.62
C PRO C 29 40.95 -18.86 -15.23
N TRP C 30 41.18 -19.71 -14.24
CA TRP C 30 41.49 -19.28 -12.89
C TRP C 30 42.94 -19.59 -12.51
N ALA C 31 43.79 -19.86 -13.51
CA ALA C 31 45.18 -20.24 -13.23
C ALA C 31 45.91 -19.16 -12.43
N GLU C 32 45.69 -17.89 -12.77
CA GLU C 32 46.45 -16.82 -12.13
C GLU C 32 45.95 -16.46 -10.74
N PHE C 33 44.92 -17.14 -10.24
CA PHE C 33 44.46 -16.92 -8.88
C PHE C 33 45.08 -17.89 -7.88
N HIS C 34 45.77 -18.92 -8.37
CA HIS C 34 46.58 -19.82 -7.56
C HIS C 34 45.79 -20.42 -6.40
N LEU C 35 44.64 -21.04 -6.74
CA LEU C 35 43.82 -21.67 -5.71
C LEU C 35 44.42 -22.98 -5.25
N GLU C 36 45.28 -23.61 -6.05
CA GLU C 36 45.90 -24.87 -5.66
C GLU C 36 46.86 -24.70 -4.50
N ASP C 37 47.40 -23.49 -4.29
CA ASP C 37 48.31 -23.24 -3.20
C ASP C 37 47.60 -23.01 -1.87
N ILE C 38 46.27 -22.94 -1.87
CA ILE C 38 45.51 -22.70 -0.66
C ILE C 38 45.42 -23.99 0.14
N ALA C 39 45.59 -23.88 1.45
CA ALA C 39 45.49 -25.04 2.34
C ALA C 39 44.17 -25.76 2.14
N THR C 40 44.24 -27.08 1.97
CA THR C 40 43.06 -27.88 1.75
C THR C 40 42.15 -27.89 2.97
N GLU C 41 40.86 -27.78 2.74
CA GLU C 41 39.85 -27.86 3.79
C GLU C 41 38.91 -29.02 3.52
N ARG C 42 38.29 -29.52 4.59
CA ARG C 42 37.39 -30.67 4.51
C ARG C 42 35.97 -30.18 4.63
N ALA C 43 35.06 -30.77 3.85
CA ALA C 43 33.68 -30.32 3.86
C ALA C 43 32.75 -31.50 3.62
N THR C 44 31.50 -31.32 4.03
CA THR C 44 30.44 -32.29 3.77
C THR C 44 29.51 -31.72 2.72
N ARG C 45 29.40 -32.40 1.58
CA ARG C 45 28.57 -31.95 0.48
C ARG C 45 27.21 -32.63 0.55
N HIS C 46 26.16 -31.82 0.63
CA HIS C 46 24.77 -32.25 0.56
C HIS C 46 24.22 -31.91 -0.81
N ARG C 47 23.82 -32.94 -1.57
CA ARG C 47 23.17 -32.78 -2.86
C ARG C 47 21.73 -33.27 -2.76
N TYR C 48 20.86 -32.67 -3.56
CA TYR C 48 19.42 -32.87 -3.44
C TYR C 48 18.83 -33.43 -4.73
N ASN C 49 17.86 -34.32 -4.58
CA ASN C 49 17.09 -34.87 -5.69
C ASN C 49 15.65 -34.42 -5.51
N ALA C 50 15.14 -33.65 -6.46
CA ALA C 50 13.82 -33.04 -6.36
C ALA C 50 12.70 -33.97 -6.84
N VAL C 51 13.01 -34.98 -7.64
CA VAL C 51 12.00 -35.95 -8.03
C VAL C 51 11.67 -36.86 -6.86
N THR C 52 12.70 -37.38 -6.19
CA THR C 52 12.54 -38.21 -5.02
C THR C 52 12.51 -37.40 -3.73
N GLY C 53 12.90 -36.12 -3.79
CA GLY C 53 12.98 -35.30 -2.61
C GLY C 53 13.96 -35.80 -1.57
N GLU C 54 15.08 -36.39 -2.02
CA GLU C 54 15.99 -37.10 -1.13
C GLU C 54 17.38 -36.45 -1.18
N TRP C 55 18.07 -36.49 -0.04
CA TRP C 55 19.37 -35.86 0.10
C TRP C 55 20.47 -36.92 0.18
N LEU C 56 21.51 -36.74 -0.62
CA LEU C 56 22.70 -37.57 -0.55
C LEU C 56 23.88 -36.73 -0.09
N ASP C 57 24.62 -37.22 0.89
CA ASP C 57 25.76 -36.48 1.44
C ASP C 57 27.03 -37.30 1.28
N ASP C 58 28.14 -36.58 1.11
CA ASP C 58 29.45 -37.22 1.00
C ASP C 58 30.51 -36.26 1.54
N GLU C 59 31.74 -36.73 1.62
CA GLU C 59 32.85 -35.92 2.09
C GLU C 59 33.70 -35.45 0.91
N VAL C 60 33.98 -34.15 0.87
CA VAL C 60 34.74 -33.54 -0.22
C VAL C 60 35.89 -32.72 0.34
N LEU C 61 36.84 -32.40 -0.54
CA LEU C 61 38.01 -31.59 -0.22
C LEU C 61 37.98 -30.34 -1.09
N ILE C 62 38.13 -29.17 -0.46
CA ILE C 62 37.97 -27.90 -1.16
C ILE C 62 39.18 -27.01 -0.90
N LYS C 63 39.45 -26.13 -1.86
CA LYS C 63 40.44 -25.06 -1.74
C LYS C 63 39.73 -23.78 -2.14
N MET C 64 39.42 -22.94 -1.17
CA MET C 64 38.61 -21.74 -1.40
C MET C 64 39.44 -20.49 -1.15
N ALA C 65 39.24 -19.48 -2.01
CA ALA C 65 39.91 -18.20 -1.84
C ALA C 65 39.52 -17.55 -0.53
N SER C 66 40.45 -16.77 0.03
CA SER C 66 40.21 -16.13 1.32
C SER C 66 39.36 -14.87 1.22
N GLN C 67 39.24 -14.29 0.03
N GLN C 67 39.25 -14.28 0.03
CA GLN C 67 38.44 -13.09 -0.15
CA GLN C 67 38.47 -13.07 -0.18
C GLN C 67 37.44 -13.29 -1.29
C GLN C 67 37.47 -13.26 -1.31
N PRO C 68 36.30 -12.62 -1.22
CA PRO C 68 35.30 -12.75 -2.28
C PRO C 68 35.76 -12.09 -3.58
N PHE C 69 35.26 -12.62 -4.69
CA PHE C 69 35.50 -12.00 -5.99
C PHE C 69 34.31 -11.15 -6.45
N GLY C 70 33.13 -11.44 -5.93
CA GLY C 70 31.92 -10.70 -6.27
C GLY C 70 30.90 -10.85 -5.17
N ARG C 71 30.01 -9.88 -5.08
CA ARG C 71 28.94 -9.91 -4.10
C ARG C 71 27.67 -9.34 -4.73
N GLY C 72 26.54 -9.98 -4.43
CA GLY C 72 25.25 -9.49 -4.84
C GLY C 72 24.57 -8.72 -3.73
N ALA C 73 23.24 -8.73 -3.74
CA ALA C 73 22.51 -8.04 -2.69
C ALA C 73 22.50 -8.84 -1.39
N MET C 74 22.44 -10.16 -1.49
CA MET C 74 22.30 -11.03 -0.33
C MET C 74 23.53 -11.88 -0.04
N ARG C 75 24.32 -12.23 -1.05
CA ARG C 75 25.40 -13.19 -0.87
C ARG C 75 26.69 -12.67 -1.50
N GLU C 76 27.81 -13.19 -0.99
CA GLU C 76 29.13 -12.97 -1.52
C GLU C 76 29.68 -14.28 -2.07
N CYS C 77 30.51 -14.18 -3.11
CA CYS C 77 30.98 -15.34 -3.85
C CYS C 77 32.49 -15.51 -3.74
N PHE C 78 32.92 -16.75 -3.58
CA PHE C 78 34.33 -17.11 -3.49
C PHE C 78 34.67 -18.12 -4.58
N ARG C 79 35.85 -17.93 -5.17
CA ARG C 79 36.37 -18.91 -6.12
C ARG C 79 36.83 -20.14 -5.36
N THR C 80 36.48 -21.33 -5.85
CA THR C 80 36.78 -22.57 -5.15
C THR C 80 37.21 -23.62 -6.15
N LYS C 81 38.10 -24.51 -5.71
CA LYS C 81 38.40 -25.74 -6.43
C LYS C 81 38.00 -26.92 -5.56
N LYS C 82 37.46 -27.97 -6.17
CA LYS C 82 37.02 -29.14 -5.42
C LYS C 82 37.40 -30.40 -6.19
N LEU C 83 37.87 -31.40 -5.46
CA LEU C 83 38.20 -32.68 -6.05
C LEU C 83 36.92 -33.48 -6.30
N SER C 84 36.85 -34.14 -7.45
CA SER C 84 35.66 -34.89 -7.81
C SER C 84 35.66 -36.26 -7.14
N ASN C 85 34.48 -36.70 -6.72
CA ASN C 85 34.29 -38.06 -6.22
C ASN C 85 33.75 -38.99 -7.29
N PHE C 86 33.48 -38.48 -8.49
CA PHE C 86 33.17 -39.33 -9.63
C PHE C 86 34.44 -39.88 -10.25
N LEU C 87 35.48 -39.07 -10.34
CA LEU C 87 36.79 -39.55 -10.75
C LEU C 87 37.42 -40.36 -9.62
N HIS C 88 38.34 -41.25 -9.99
CA HIS C 88 38.91 -42.19 -9.03
C HIS C 88 40.14 -41.63 -8.32
N ALA C 89 40.97 -40.85 -9.01
CA ALA C 89 42.17 -40.30 -8.40
C ALA C 89 42.50 -38.97 -9.10
N GLN C 90 41.65 -37.97 -8.87
CA GLN C 90 41.88 -36.65 -9.43
C GLN C 90 42.89 -35.89 -8.60
N GLN C 91 43.79 -35.17 -9.27
CA GLN C 91 44.75 -34.29 -8.62
C GLN C 91 44.27 -32.84 -8.72
N TRP C 92 44.80 -32.00 -7.83
CA TRP C 92 44.39 -30.60 -7.79
C TRP C 92 44.75 -29.86 -9.07
N LYS C 93 45.67 -30.40 -9.87
CA LYS C 93 46.00 -29.77 -11.14
C LYS C 93 44.82 -29.79 -12.11
N GLY C 94 43.96 -30.80 -11.99
CA GLY C 94 42.79 -30.92 -12.83
C GLY C 94 41.46 -30.65 -12.16
N ALA C 95 41.47 -30.14 -10.93
CA ALA C 95 40.22 -29.87 -10.23
C ALA C 95 39.40 -28.80 -10.95
N SER C 96 38.09 -28.95 -10.91
CA SER C 96 37.18 -28.03 -11.58
C SER C 96 37.05 -26.73 -10.78
N ASN C 97 36.51 -25.72 -11.45
CA ASN C 97 36.27 -24.42 -10.84
C ASN C 97 34.83 -24.33 -10.36
N TYR C 98 34.64 -23.70 -9.21
CA TYR C 98 33.34 -23.62 -8.56
C TYR C 98 33.16 -22.23 -7.97
N VAL C 99 31.91 -21.80 -7.90
CA VAL C 99 31.52 -20.59 -7.18
C VAL C 99 30.83 -21.02 -5.89
N ALA C 100 31.36 -20.56 -4.77
CA ALA C 100 30.79 -20.83 -3.45
C ALA C 100 30.20 -19.54 -2.90
N LYS C 101 28.89 -19.53 -2.69
CA LYS C 101 28.16 -18.36 -2.24
C LYS C 101 27.82 -18.48 -0.77
N ARG C 102 27.93 -17.37 -0.05
CA ARG C 102 27.65 -17.31 1.38
C ARG C 102 26.80 -16.08 1.66
N TYR C 103 25.79 -16.24 2.51
CA TYR C 103 24.95 -15.11 2.87
C TYR C 103 25.74 -14.11 3.71
N ILE C 104 25.73 -12.84 3.29
CA ILE C 104 26.45 -11.82 4.02
C ILE C 104 25.86 -11.62 5.41
N GLU C 105 24.55 -11.47 5.48
CA GLU C 105 23.91 -11.46 6.79
C GLU C 105 23.60 -12.89 7.23
N PRO C 106 23.85 -13.22 8.49
CA PRO C 106 23.61 -14.59 8.96
C PRO C 106 22.15 -14.98 8.86
N VAL C 107 21.90 -16.19 8.36
CA VAL C 107 20.56 -16.73 8.20
C VAL C 107 20.51 -18.10 8.86
N ASP C 108 19.31 -18.68 8.89
CA ASP C 108 19.13 -20.01 9.45
C ASP C 108 19.73 -21.06 8.53
N ARG C 109 20.10 -22.20 9.12
CA ARG C 109 20.73 -23.26 8.34
C ARG C 109 19.79 -23.84 7.30
N ASP C 110 18.48 -23.84 7.56
CA ASP C 110 17.53 -24.43 6.60
C ASP C 110 17.32 -23.55 5.38
N VAL C 111 17.71 -22.27 5.44
CA VAL C 111 17.55 -21.39 4.29
C VAL C 111 18.37 -21.89 3.11
N TYR C 112 19.58 -22.41 3.39
CA TYR C 112 20.42 -22.92 2.31
C TYR C 112 19.80 -24.14 1.64
N PHE C 113 19.26 -25.07 2.45
CA PHE C 113 18.61 -26.25 1.88
C PHE C 113 17.35 -25.86 1.10
N GLU C 114 16.62 -24.84 1.58
CA GLU C 114 15.45 -24.38 0.86
C GLU C 114 15.84 -23.74 -0.47
N ASP C 115 16.95 -23.02 -0.50
CA ASP C 115 17.44 -22.45 -1.76
C ASP C 115 17.85 -23.56 -2.72
N VAL C 116 18.46 -24.63 -2.20
CA VAL C 116 18.79 -25.77 -3.06
C VAL C 116 17.52 -26.39 -3.64
N ARG C 117 16.48 -26.55 -2.81
CA ARG C 117 15.22 -27.09 -3.29
C ARG C 117 14.62 -26.20 -4.37
N LEU C 118 14.67 -24.88 -4.16
CA LEU C 118 14.19 -23.93 -5.16
C LEU C 118 14.91 -24.12 -6.49
N GLN C 119 16.25 -24.17 -6.43
CA GLN C 119 17.02 -24.28 -7.67
C GLN C 119 16.73 -25.59 -8.39
N MET C 120 16.60 -26.70 -7.64
CA MET C 120 16.36 -27.99 -8.27
C MET C 120 14.96 -28.05 -8.88
N GLU C 121 13.96 -27.43 -8.21
CA GLU C 121 12.64 -27.36 -8.81
C GLU C 121 12.63 -26.53 -10.08
N ALA C 122 13.34 -25.40 -10.08
CA ALA C 122 13.47 -24.61 -11.30
C ALA C 122 14.14 -25.41 -12.40
N LYS C 123 15.11 -26.27 -12.04
CA LYS C 123 15.76 -27.12 -13.03
C LYS C 123 14.78 -28.13 -13.61
N LEU C 124 13.95 -28.74 -12.76
CA LEU C 124 12.90 -29.63 -13.24
C LEU C 124 11.97 -28.91 -14.22
N TRP C 125 11.62 -27.67 -13.92
CA TRP C 125 10.74 -26.92 -14.81
C TRP C 125 11.45 -26.59 -16.13
N GLY C 126 12.75 -26.32 -16.07
CA GLY C 126 13.51 -26.15 -17.30
C GLY C 126 13.48 -27.40 -18.17
N GLU C 127 13.61 -28.57 -17.55
CA GLU C 127 13.53 -29.82 -18.29
C GLU C 127 12.15 -30.01 -18.91
N GLU C 128 11.10 -29.70 -18.15
CA GLU C 128 9.74 -29.79 -18.69
C GLU C 128 9.57 -28.85 -19.88
N TYR C 129 10.11 -27.64 -19.78
CA TYR C 129 10.08 -26.71 -20.90
C TYR C 129 10.80 -27.27 -22.12
N ASN C 130 11.98 -27.88 -21.91
CA ASN C 130 12.72 -28.47 -23.02
C ASN C 130 11.92 -29.59 -23.68
N ARG C 131 11.12 -30.33 -22.91
CA ARG C 131 10.38 -31.45 -23.47
C ARG C 131 9.36 -31.02 -24.53
N HIS C 132 9.01 -29.74 -24.59
CA HIS C 132 8.07 -29.22 -25.58
C HIS C 132 8.76 -28.76 -26.88
N LYS C 133 9.99 -29.21 -27.13
CA LYS C 133 10.76 -28.88 -28.31
C LYS C 133 10.81 -27.37 -28.56
N PRO C 134 11.44 -26.59 -27.69
CA PRO C 134 11.54 -25.15 -27.92
C PRO C 134 12.64 -24.84 -28.92
N PRO C 135 12.66 -23.62 -29.48
CA PRO C 135 13.75 -23.27 -30.40
C PRO C 135 15.12 -23.31 -29.74
N LYS C 136 15.21 -22.92 -28.48
CA LYS C 136 16.45 -22.99 -27.71
C LYS C 136 16.16 -23.66 -26.37
N GLN C 137 16.84 -24.76 -26.10
CA GLN C 137 16.64 -25.46 -24.83
C GLN C 137 17.37 -24.72 -23.71
N VAL C 138 16.87 -24.91 -22.49
CA VAL C 138 17.41 -24.26 -21.30
C VAL C 138 17.89 -25.32 -20.33
N ASP C 139 18.61 -24.86 -19.30
CA ASP C 139 19.04 -25.73 -18.21
C ASP C 139 19.46 -24.85 -17.04
N ILE C 140 18.99 -25.19 -15.84
CA ILE C 140 19.34 -24.49 -14.62
C ILE C 140 20.46 -25.28 -13.93
N MET C 141 21.54 -24.60 -13.57
CA MET C 141 22.67 -25.25 -12.94
C MET C 141 22.27 -25.85 -11.61
N GLN C 142 22.75 -27.06 -11.34
CA GLN C 142 22.58 -27.66 -10.03
C GLN C 142 23.35 -26.87 -8.98
N MET C 143 22.74 -26.68 -7.81
CA MET C 143 23.39 -26.06 -6.68
C MET C 143 23.30 -26.99 -5.49
N CYS C 144 24.39 -27.11 -4.74
CA CYS C 144 24.41 -27.98 -3.58
C CYS C 144 24.93 -27.22 -2.37
N ILE C 145 25.13 -27.90 -1.25
CA ILE C 145 25.62 -27.26 -0.02
C ILE C 145 26.91 -27.94 0.40
N ILE C 146 27.87 -27.15 0.89
CA ILE C 146 29.06 -27.68 1.55
C ILE C 146 29.10 -27.12 2.96
N GLU C 147 29.30 -28.00 3.94
CA GLU C 147 29.38 -27.64 5.35
C GLU C 147 30.82 -27.82 5.79
N LEU C 148 31.44 -26.72 6.24
CA LEU C 148 32.83 -26.72 6.68
C LEU C 148 32.85 -26.85 8.20
N LYS C 149 32.85 -28.09 8.70
CA LYS C 149 32.69 -28.33 10.13
C LYS C 149 33.94 -28.00 10.93
N ASP C 150 35.07 -27.70 10.29
CA ASP C 150 36.28 -27.34 11.02
C ASP C 150 36.48 -25.84 11.14
N ARG C 151 35.74 -25.04 10.40
CA ARG C 151 35.77 -23.60 10.61
C ARG C 151 34.89 -23.23 11.81
N PRO C 152 35.20 -22.13 12.49
CA PRO C 152 34.36 -21.70 13.62
C PRO C 152 32.92 -21.45 13.17
N GLY C 153 31.99 -22.13 13.83
CA GLY C 153 30.58 -22.00 13.51
C GLY C 153 30.05 -23.03 12.54
N LYS C 154 30.91 -23.86 11.95
CA LYS C 154 30.56 -24.85 10.93
C LYS C 154 29.74 -24.19 9.82
N PRO C 155 30.33 -23.29 9.03
CA PRO C 155 29.54 -22.52 8.07
C PRO C 155 29.10 -23.37 6.88
N LEU C 156 27.94 -22.99 6.34
CA LEU C 156 27.40 -23.57 5.13
C LEU C 156 27.64 -22.63 3.95
N PHE C 157 27.97 -23.20 2.80
CA PHE C 157 28.14 -22.47 1.56
C PHE C 157 27.32 -23.15 0.47
N HIS C 158 26.68 -22.35 -0.38
CA HIS C 158 26.14 -22.88 -1.61
C HIS C 158 27.29 -23.11 -2.59
N LEU C 159 27.25 -24.22 -3.31
CA LEU C 159 28.30 -24.53 -4.26
C LEU C 159 27.67 -24.80 -5.62
N GLU C 160 28.26 -24.21 -6.66
CA GLU C 160 27.83 -24.52 -8.02
C GLU C 160 29.04 -24.44 -8.93
N HIS C 161 28.89 -24.97 -10.15
CA HIS C 161 29.97 -24.91 -11.12
C HIS C 161 30.09 -23.51 -11.69
N TYR C 162 31.31 -23.14 -12.05
CA TYR C 162 31.59 -21.82 -12.61
C TYR C 162 31.31 -21.83 -14.10
N ILE C 163 30.44 -20.92 -14.54
CA ILE C 163 30.06 -20.81 -15.95
C ILE C 163 30.89 -19.70 -16.59
N GLU C 164 31.65 -20.04 -17.62
CA GLU C 164 32.40 -19.04 -18.37
C GLU C 164 31.48 -18.34 -19.36
N GLY C 165 31.67 -17.03 -19.50
CA GLY C 165 30.97 -16.27 -20.52
C GLY C 165 30.34 -15.02 -19.94
N LYS C 166 29.52 -14.38 -20.77
N LYS C 166 29.53 -14.36 -20.78
CA LYS C 166 28.87 -13.13 -20.41
CA LYS C 166 28.87 -13.12 -20.39
C LYS C 166 27.65 -13.44 -19.54
C LYS C 166 27.66 -13.43 -19.53
N TYR C 167 27.67 -12.96 -18.29
CA TYR C 167 26.58 -13.18 -17.35
C TYR C 167 25.53 -12.09 -17.54
N ILE C 168 24.33 -12.51 -17.94
CA ILE C 168 23.24 -11.59 -18.26
C ILE C 168 22.07 -11.90 -17.33
N LYS C 169 21.45 -10.85 -16.80
CA LYS C 169 20.21 -10.95 -16.04
C LYS C 169 19.07 -10.61 -16.99
N TYR C 170 18.27 -11.62 -17.36
CA TYR C 170 17.21 -11.40 -18.34
C TYR C 170 15.95 -10.81 -17.70
N ASN C 171 15.54 -11.34 -16.55
CA ASN C 171 14.45 -10.76 -15.80
C ASN C 171 14.70 -10.96 -14.32
N SER C 172 13.93 -10.25 -13.49
CA SER C 172 14.00 -10.36 -12.05
C SER C 172 12.71 -10.95 -11.51
N ASN C 173 12.53 -10.86 -10.19
CA ASN C 173 11.29 -11.25 -9.52
C ASN C 173 10.40 -10.05 -9.25
N SER C 174 10.62 -8.93 -9.95
CA SER C 174 9.88 -7.71 -9.68
C SER C 174 9.65 -6.92 -10.96
N GLY C 175 9.43 -7.63 -12.07
CA GLY C 175 8.99 -6.99 -13.30
C GLY C 175 10.08 -6.48 -14.22
N PHE C 176 11.35 -6.60 -13.82
CA PHE C 176 12.43 -6.15 -14.69
C PHE C 176 12.51 -7.00 -15.94
N VAL C 177 12.66 -6.34 -17.09
CA VAL C 177 12.84 -7.01 -18.38
C VAL C 177 13.96 -6.30 -19.12
N ARG C 178 14.93 -7.07 -19.62
CA ARG C 178 16.05 -6.49 -20.35
C ARG C 178 15.66 -6.17 -21.78
N ASP C 180 17.04 -4.11 -24.37
CA ASP C 180 18.46 -4.21 -24.64
C ASP C 180 18.80 -5.56 -25.27
N ASN C 181 18.66 -5.63 -26.59
CA ASN C 181 18.80 -6.89 -27.34
C ASN C 181 17.98 -7.99 -26.68
N ILE C 182 16.67 -7.72 -26.56
CA ILE C 182 15.79 -8.59 -25.81
C ILE C 182 15.79 -10.00 -26.39
N ARG C 183 15.76 -10.99 -25.51
CA ARG C 183 15.67 -12.39 -25.90
C ARG C 183 14.30 -12.93 -25.52
N LEU C 184 13.85 -13.94 -26.25
CA LEU C 184 12.51 -14.49 -26.08
C LEU C 184 12.48 -15.71 -25.19
N THR C 185 13.55 -16.52 -25.20
CA THR C 185 13.57 -17.76 -24.43
C THR C 185 13.32 -17.55 -22.94
N PRO C 186 13.99 -16.63 -22.23
CA PRO C 186 13.71 -16.48 -20.79
C PRO C 186 12.27 -16.15 -20.46
N GLN C 187 11.70 -15.15 -21.13
CA GLN C 187 10.34 -14.72 -20.83
C GLN C 187 9.34 -15.81 -21.19
N ALA C 188 9.54 -16.47 -22.35
CA ALA C 188 8.67 -17.56 -22.74
C ALA C 188 8.77 -18.72 -21.74
N PHE C 189 9.96 -18.99 -21.23
CA PHE C 189 10.14 -20.03 -20.22
C PHE C 189 9.36 -19.68 -18.95
N SER C 190 9.45 -18.43 -18.50
CA SER C 190 8.72 -18.01 -17.32
C SER C 190 7.21 -18.16 -17.52
N HIS C 191 6.70 -17.69 -18.65
CA HIS C 191 5.28 -17.82 -18.94
C HIS C 191 4.86 -19.27 -19.02
N PHE C 192 5.71 -20.12 -19.62
CA PHE C 192 5.44 -21.54 -19.70
C PHE C 192 5.35 -22.16 -18.32
N THR C 193 6.24 -21.77 -17.40
CA THR C 193 6.17 -22.29 -16.04
C THR C 193 4.88 -21.85 -15.37
N PHE C 194 4.45 -20.61 -15.63
CA PHE C 194 3.18 -20.14 -15.06
C PHE C 194 2.02 -20.99 -15.56
N GLU C 195 1.94 -21.23 -16.86
CA GLU C 195 0.78 -21.92 -17.42
C GLU C 195 0.80 -23.43 -17.14
N ARG C 196 1.97 -24.06 -17.29
CA ARG C 196 2.07 -25.51 -17.15
C ARG C 196 1.81 -25.96 -15.71
N SER C 197 2.17 -25.14 -14.72
CA SER C 197 1.92 -25.46 -13.33
C SER C 197 0.48 -25.26 -12.91
N GLY C 198 -0.40 -24.91 -13.84
CA GLY C 198 -1.78 -24.60 -13.48
C GLY C 198 -1.90 -23.36 -12.62
N HIS C 199 -1.05 -22.36 -12.88
CA HIS C 199 -0.96 -21.09 -12.15
C HIS C 199 -0.47 -21.26 -10.72
N GLN C 200 0.09 -22.42 -10.37
CA GLN C 200 0.55 -22.64 -9.01
C GLN C 200 1.94 -22.07 -8.75
N LEU C 201 2.73 -21.81 -9.79
CA LEU C 201 4.06 -21.25 -9.59
C LEU C 201 4.53 -20.62 -10.89
N ILE C 202 5.55 -19.78 -10.77
CA ILE C 202 6.23 -19.18 -11.91
C ILE C 202 7.71 -19.03 -11.57
N VAL C 203 8.56 -19.39 -12.52
CA VAL C 203 10.00 -19.32 -12.37
C VAL C 203 10.50 -18.06 -13.09
N VAL C 204 11.05 -17.13 -12.32
CA VAL C 204 11.59 -15.88 -12.85
C VAL C 204 13.00 -15.72 -12.29
N ASP C 205 13.54 -14.50 -12.36
CA ASP C 205 14.96 -14.26 -12.09
C ASP C 205 15.84 -15.08 -13.04
N ILE C 206 15.44 -15.11 -14.31
CA ILE C 206 16.18 -15.88 -15.31
C ILE C 206 17.48 -15.13 -15.60
N GLN C 207 18.61 -15.76 -15.32
CA GLN C 207 19.91 -15.13 -15.47
C GLN C 207 20.97 -16.20 -15.61
N GLY C 208 22.03 -15.86 -16.32
CA GLY C 208 23.14 -16.78 -16.50
C GLY C 208 23.89 -16.47 -17.78
N VAL C 209 24.54 -17.50 -18.32
CA VAL C 209 25.33 -17.39 -19.54
C VAL C 209 24.56 -18.09 -20.65
N GLY C 210 24.10 -17.31 -21.62
CA GLY C 210 23.29 -17.88 -22.68
C GLY C 210 21.98 -18.42 -22.12
N ASP C 211 21.80 -19.73 -22.22
CA ASP C 211 20.63 -20.41 -21.65
C ASP C 211 21.02 -21.35 -20.51
N LEU C 212 22.20 -21.17 -19.93
CA LEU C 212 22.58 -21.85 -18.69
C LEU C 212 22.24 -20.92 -17.54
N TYR C 213 21.17 -21.24 -16.81
CA TYR C 213 20.63 -20.36 -15.80
C TYR C 213 21.11 -20.75 -14.41
N THR C 214 21.17 -19.75 -13.52
CA THR C 214 21.47 -19.99 -12.11
C THR C 214 20.84 -18.86 -11.31
N ASP C 215 20.75 -19.09 -10.00
CA ASP C 215 20.09 -18.17 -9.08
C ASP C 215 18.69 -17.76 -9.56
N PRO C 216 17.79 -18.71 -9.79
CA PRO C 216 16.42 -18.36 -10.15
C PRO C 216 15.58 -18.11 -8.91
N GLN C 217 14.36 -17.63 -9.14
CA GLN C 217 13.38 -17.41 -8.08
C GLN C 217 12.05 -18.00 -8.51
N ILE C 218 11.31 -18.53 -7.54
CA ILE C 218 10.00 -19.11 -7.80
C ILE C 218 8.96 -18.37 -6.97
N HIS C 219 7.90 -17.91 -7.62
CA HIS C 219 6.73 -17.38 -6.95
C HIS C 219 5.64 -18.44 -6.95
N THR C 220 5.17 -18.82 -5.78
CA THR C 220 4.15 -19.86 -5.65
C THR C 220 2.81 -19.26 -5.25
N GLU C 221 1.76 -20.07 -5.39
CA GLU C 221 0.42 -19.62 -5.04
C GLU C 221 0.32 -19.26 -3.57
N THR C 222 0.75 -20.17 -2.68
CA THR C 222 0.66 -19.90 -1.25
C THR C 222 1.71 -18.89 -0.80
N GLY C 223 2.88 -18.88 -1.43
CA GLY C 223 3.93 -17.98 -1.01
C GLY C 223 4.59 -18.33 0.30
N THR C 224 4.39 -19.57 0.78
CA THR C 224 4.93 -19.99 2.06
C THR C 224 6.33 -20.58 1.97
N ASP C 225 6.72 -21.08 0.80
CA ASP C 225 7.99 -21.78 0.63
C ASP C 225 8.94 -20.96 -0.24
N PHE C 226 10.17 -21.47 -0.36
CA PHE C 226 11.21 -20.93 -1.23
C PHE C 226 11.71 -19.57 -0.76
N GLY C 227 11.73 -19.33 0.55
CA GLY C 227 12.43 -18.18 1.09
C GLY C 227 11.63 -16.88 1.00
N ASP C 228 12.37 -15.78 1.14
CA ASP C 228 11.79 -14.45 1.17
C ASP C 228 11.63 -13.82 -0.21
N GLY C 229 12.23 -14.41 -1.24
CA GLY C 229 12.02 -13.94 -2.59
C GLY C 229 10.71 -14.35 -3.20
N ASN C 230 10.00 -15.30 -2.57
CA ASN C 230 8.69 -15.74 -3.02
C ASN C 230 7.67 -14.65 -2.70
N LEU C 231 7.38 -13.79 -3.67
CA LEU C 231 6.37 -12.76 -3.51
C LEU C 231 4.97 -13.26 -3.87
N GLY C 232 4.82 -14.54 -4.20
CA GLY C 232 3.52 -15.10 -4.45
C GLY C 232 2.82 -14.51 -5.66
N VAL C 233 1.49 -14.40 -5.54
CA VAL C 233 0.68 -13.84 -6.61
C VAL C 233 1.11 -12.41 -6.92
N ARG C 234 1.65 -11.70 -5.92
CA ARG C 234 2.22 -10.38 -6.17
C ARG C 234 3.38 -10.47 -7.15
N GLY C 235 4.28 -11.43 -6.94
CA GLY C 235 5.36 -11.65 -7.90
C GLY C 235 4.84 -12.01 -9.29
N MET C 236 3.83 -12.87 -9.35
CA MET C 236 3.22 -13.21 -10.64
C MET C 236 2.68 -11.98 -11.33
N ALA C 237 1.98 -11.12 -10.59
CA ALA C 237 1.47 -9.87 -11.13
C ALA C 237 2.61 -8.98 -11.62
N LEU C 238 3.69 -8.90 -10.85
CA LEU C 238 4.84 -8.10 -11.27
C LEU C 238 5.42 -8.61 -12.59
N PHE C 239 5.43 -9.93 -12.76
CA PHE C 239 5.88 -10.49 -14.03
C PHE C 239 4.95 -10.08 -15.17
N PHE C 240 3.66 -10.30 -14.99
CA PHE C 240 2.72 -10.09 -16.09
C PHE C 240 2.44 -8.62 -16.38
N TYR C 241 2.81 -7.72 -15.47
CA TYR C 241 2.70 -6.29 -15.75
C TYR C 241 3.69 -5.86 -16.82
N SER C 242 4.80 -6.60 -16.99
CA SER C 242 5.85 -6.23 -17.93
C SER C 242 6.00 -7.21 -19.08
N HIS C 243 5.38 -8.39 -19.01
CA HIS C 243 5.60 -9.43 -19.99
C HIS C 243 4.82 -9.14 -21.27
N ALA C 244 5.54 -9.00 -22.37
CA ALA C 244 4.95 -8.94 -23.70
C ALA C 244 5.18 -10.29 -24.37
N CYS C 245 4.10 -11.04 -24.59
CA CYS C 245 4.22 -12.38 -25.17
C CYS C 245 4.88 -12.32 -26.54
N ASN C 246 5.83 -13.21 -26.76
CA ASN C 246 6.56 -13.31 -28.01
C ASN C 246 6.06 -14.51 -28.81
N ARG C 247 6.76 -14.85 -29.89
CA ARG C 247 6.30 -15.93 -30.76
C ARG C 247 6.49 -17.30 -30.14
N ILE C 248 7.42 -17.44 -29.18
CA ILE C 248 7.56 -18.72 -28.49
C ILE C 248 6.36 -18.98 -27.59
N CYS C 249 5.85 -17.93 -26.92
CA CYS C 249 4.62 -18.06 -26.16
C CYS C 249 3.48 -18.58 -27.03
N GLU C 250 3.36 -18.04 -28.23
CA GLU C 250 2.27 -18.44 -29.12
C GLU C 250 2.49 -19.83 -29.70
N SER C 251 3.76 -20.22 -29.94
CA SER C 251 4.05 -21.54 -30.47
C SER C 251 3.71 -22.66 -29.50
N MET C 252 3.57 -22.34 -28.22
CA MET C 252 3.23 -23.34 -27.20
C MET C 252 1.81 -23.17 -26.67
N GLY C 253 1.00 -22.31 -27.29
CA GLY C 253 -0.39 -22.16 -26.89
C GLY C 253 -0.62 -21.38 -25.64
N LEU C 254 0.31 -20.51 -25.25
CA LEU C 254 0.18 -19.71 -24.04
C LEU C 254 -0.74 -18.52 -24.31
N ALA C 255 -1.83 -18.44 -23.56
CA ALA C 255 -2.74 -17.31 -23.71
C ALA C 255 -2.12 -16.05 -23.10
N PRO C 256 -2.27 -14.89 -23.73
CA PRO C 256 -1.73 -13.66 -23.16
C PRO C 256 -2.49 -13.24 -21.91
N PHE C 257 -1.77 -12.54 -21.03
CA PHE C 257 -2.38 -11.98 -19.84
C PHE C 257 -3.22 -10.75 -20.20
N ASP C 258 -4.38 -10.64 -19.56
CA ASP C 258 -5.33 -9.56 -19.86
C ASP C 258 -4.80 -8.26 -19.25
N LEU C 259 -4.20 -7.42 -20.07
CA LEU C 259 -3.69 -6.12 -19.64
C LEU C 259 -4.63 -5.01 -20.10
N SER C 260 -4.60 -3.91 -19.35
CA SER C 260 -5.40 -2.74 -19.70
C SER C 260 -4.77 -2.03 -20.91
N PRO C 261 -5.54 -1.16 -21.58
CA PRO C 261 -4.98 -0.42 -22.72
C PRO C 261 -3.69 0.32 -22.40
N ARG C 262 -3.63 1.04 -21.28
CA ARG C 262 -2.40 1.72 -20.89
C ARG C 262 -1.25 0.75 -20.74
N GLU C 263 -1.45 -0.33 -19.98
CA GLU C 263 -0.39 -1.29 -19.76
C GLU C 263 0.02 -1.99 -21.05
N ARG C 264 -0.96 -2.33 -21.90
CA ARG C 264 -0.64 -2.97 -23.17
C ARG C 264 0.15 -2.04 -24.08
N ASP C 265 -0.16 -0.74 -24.07
CA ASP C 265 0.62 0.19 -24.86
C ASP C 265 2.02 0.39 -24.26
N ALA C 266 2.12 0.40 -22.94
CA ALA C 266 3.42 0.53 -22.29
C ALA C 266 4.32 -0.66 -22.57
N VAL C 267 3.74 -1.85 -22.73
CA VAL C 267 4.54 -3.02 -23.09
C VAL C 267 4.72 -3.16 -24.60
N ASN C 268 3.86 -2.52 -25.41
CA ASN C 268 4.10 -2.50 -26.84
C ASN C 268 5.16 -1.47 -27.21
N GLN C 269 5.30 -0.42 -26.39
CA GLN C 269 6.45 0.47 -26.51
C GLN C 269 7.75 -0.27 -26.26
N ASN C 270 7.67 -1.43 -25.60
CA ASN C 270 8.81 -2.27 -25.27
C ASN C 270 9.00 -3.39 -26.28
N THR C 271 8.72 -3.12 -27.56
CA THR C 271 8.88 -4.13 -28.59
C THR C 271 10.34 -4.54 -28.75
N LYS C 272 11.27 -3.67 -28.38
CA LYS C 272 12.69 -4.02 -28.37
C LYS C 272 13.38 -3.39 -27.17
N ALA C 277 13.51 -11.47 -31.59
CA ALA C 277 14.78 -10.89 -31.99
C ALA C 277 15.52 -11.82 -32.94
N LYS C 278 16.36 -12.68 -32.38
CA LYS C 278 17.17 -13.60 -33.19
C LYS C 278 16.64 -15.02 -33.09
N TPO C 279 16.01 -15.34 -31.96
CA TPO C 279 15.50 -16.68 -31.73
CB TPO C 279 15.15 -16.89 -30.25
CG2 TPO C 279 14.52 -18.26 -30.05
OG1 TPO C 279 16.41 -16.86 -29.55
P TPO C 279 16.36 -15.72 -28.39
O1P TPO C 279 15.59 -14.53 -28.81
O2P TPO C 279 15.73 -16.31 -27.02
O3P TPO C 279 17.86 -15.24 -28.09
C TPO C 279 14.27 -16.91 -32.61
O TPO C 279 13.20 -16.36 -32.38
N ILE C 280 14.48 -17.71 -33.65
CA ILE C 280 13.46 -17.99 -34.64
C ILE C 280 12.87 -19.38 -34.40
N LEU C 281 11.58 -19.54 -34.69
CA LEU C 281 10.91 -20.80 -34.46
C LEU C 281 11.15 -21.76 -35.62
N ARG C 282 11.15 -23.04 -35.31
CA ARG C 282 11.31 -24.06 -36.33
C ARG C 282 9.97 -24.58 -36.85
N GLY C 283 8.98 -24.70 -35.97
CA GLY C 283 7.70 -25.27 -36.30
C GLY C 283 7.39 -26.58 -35.60
N THR C 284 8.41 -27.23 -35.03
CA THR C 284 8.23 -28.44 -34.24
C THR C 284 7.82 -28.16 -32.79
N GLU C 285 7.55 -26.89 -32.46
CA GLU C 285 7.20 -26.54 -31.09
C GLU C 285 5.83 -27.11 -30.73
N GLU C 286 5.78 -27.93 -29.68
CA GLU C 286 4.55 -28.54 -29.23
C GLU C 286 3.77 -27.59 -28.33
N LYS C 287 2.54 -27.96 -28.01
CA LYS C 287 1.65 -27.15 -27.21
C LYS C 287 1.80 -27.48 -25.72
N CYS C 288 1.54 -26.48 -24.89
CA CYS C 288 1.61 -26.63 -23.43
C CYS C 288 0.73 -27.78 -22.93
N HIS C 301 -0.71 -30.22 -12.34
CA HIS C 301 -0.22 -30.79 -13.59
C HIS C 301 -1.11 -30.42 -14.77
N LEU C 302 -2.34 -30.02 -14.47
CA LEU C 302 -3.29 -29.63 -15.51
C LEU C 302 -3.06 -28.17 -15.87
N PRO C 303 -2.59 -27.84 -17.07
CA PRO C 303 -2.25 -26.45 -17.37
C PRO C 303 -3.49 -25.58 -17.46
N ARG C 304 -3.31 -24.31 -17.13
CA ARG C 304 -4.36 -23.30 -17.21
C ARG C 304 -3.88 -22.15 -18.08
N ALA C 305 -4.81 -21.56 -18.83
CA ALA C 305 -4.48 -20.43 -19.67
C ALA C 305 -4.51 -19.13 -18.85
N SER C 306 -3.80 -18.12 -19.36
CA SER C 306 -3.65 -16.86 -18.66
C SER C 306 -4.72 -15.85 -19.04
N ALA C 307 -5.69 -16.22 -19.87
CA ALA C 307 -6.73 -15.33 -20.34
C ALA C 307 -7.96 -15.46 -19.45
N VAL C 308 -8.67 -14.34 -19.27
CA VAL C 308 -9.83 -14.33 -18.39
C VAL C 308 -10.99 -15.12 -18.99
N ALA C 309 -11.15 -15.12 -20.32
CA ALA C 309 -12.25 -15.83 -20.94
C ALA C 309 -12.12 -17.34 -20.75
N LEU C 310 -10.95 -17.88 -21.05
CA LEU C 310 -10.74 -19.32 -20.85
C LEU C 310 -10.84 -19.68 -19.37
N GLU C 311 -10.45 -18.77 -18.48
CA GLU C 311 -10.53 -19.07 -17.06
C GLU C 311 -11.97 -19.07 -16.56
N VAL C 312 -12.81 -18.16 -17.08
CA VAL C 312 -14.21 -18.21 -16.67
C VAL C 312 -14.89 -19.43 -17.28
N GLN C 313 -14.47 -19.86 -18.48
CA GLN C 313 -14.97 -21.11 -19.02
C GLN C 313 -14.60 -22.28 -18.12
N ARG C 314 -13.36 -22.31 -17.64
CA ARG C 314 -12.94 -23.39 -16.75
C ARG C 314 -13.72 -23.35 -15.44
N LEU C 315 -13.88 -22.15 -14.86
CA LEU C 315 -14.63 -22.01 -13.62
C LEU C 315 -16.09 -22.43 -13.76
N ASN C 316 -16.69 -22.19 -14.93
CA ASN C 316 -18.06 -22.61 -15.15
C ASN C 316 -18.20 -24.13 -15.13
N ALA C 317 -17.24 -24.86 -15.72
CA ALA C 317 -17.31 -26.31 -15.74
C ALA C 317 -17.34 -26.93 -14.34
N LEU C 318 -16.85 -26.21 -13.33
CA LEU C 318 -16.93 -26.63 -11.94
C LEU C 318 -18.36 -26.68 -11.41
N ASP C 319 -18.53 -26.44 -10.11
CA ASP C 319 -19.84 -26.38 -9.49
C ASP C 319 -20.34 -24.93 -9.44
N LEU C 320 -21.36 -24.68 -8.63
CA LEU C 320 -21.95 -23.34 -8.53
C LEU C 320 -21.11 -22.44 -7.63
N GLU C 321 -20.63 -22.97 -6.51
CA GLU C 321 -19.80 -22.20 -5.58
C GLU C 321 -18.49 -21.85 -6.26
N LYS C 322 -18.42 -20.65 -6.83
CA LYS C 322 -17.21 -20.18 -7.50
C LYS C 322 -16.63 -18.91 -6.90
N LYS C 323 -17.42 -18.15 -6.14
CA LYS C 323 -16.91 -16.97 -5.43
C LYS C 323 -16.17 -17.32 -4.16
N ILE C 324 -15.44 -18.43 -4.16
CA ILE C 324 -14.75 -18.91 -2.96
C ILE C 324 -13.24 -18.92 -3.22
N GLY C 325 -12.77 -17.98 -4.03
CA GLY C 325 -11.34 -17.89 -4.27
C GLY C 325 -10.78 -19.09 -4.99
N LYS C 326 -11.46 -19.56 -6.05
CA LYS C 326 -11.04 -20.77 -6.75
C LYS C 326 -10.26 -20.47 -8.02
N SER C 327 -9.82 -19.23 -8.23
CA SER C 327 -9.02 -18.86 -9.39
C SER C 327 -7.81 -18.08 -8.92
N ILE C 328 -6.61 -18.59 -9.22
CA ILE C 328 -5.39 -17.88 -8.86
C ILE C 328 -5.20 -16.65 -9.73
N LEU C 329 -5.68 -16.70 -10.98
CA LEU C 329 -5.59 -15.56 -11.88
C LEU C 329 -6.31 -14.35 -11.30
N GLY C 330 -7.47 -14.57 -10.66
CA GLY C 330 -8.16 -13.47 -10.01
C GLY C 330 -7.34 -12.84 -8.90
N LYS C 331 -6.62 -13.67 -8.13
CA LYS C 331 -5.75 -13.12 -7.10
C LYS C 331 -4.58 -12.36 -7.71
N VAL C 332 -4.08 -12.79 -8.87
CA VAL C 332 -3.06 -12.03 -9.56
C VAL C 332 -3.59 -10.66 -9.98
N HIS C 333 -4.80 -10.62 -10.52
CA HIS C 333 -5.40 -9.34 -10.90
C HIS C 333 -5.63 -8.45 -9.69
N LEU C 334 -6.04 -9.03 -8.56
CA LEU C 334 -6.21 -8.26 -7.34
C LEU C 334 -4.88 -7.69 -6.85
N ALA C 335 -3.81 -8.48 -6.97
CA ALA C 335 -2.48 -7.98 -6.64
C ALA C 335 -2.10 -6.81 -7.55
N MET C 336 -2.47 -6.89 -8.83
CA MET C 336 -2.24 -5.76 -9.73
C MET C 336 -3.00 -4.53 -9.28
N VAL C 337 -4.25 -4.72 -8.85
CA VAL C 337 -5.04 -3.60 -8.34
C VAL C 337 -4.33 -2.93 -7.17
N ARG C 338 -3.90 -3.73 -6.20
CA ARG C 338 -3.25 -3.17 -5.02
C ARG C 338 -1.90 -2.52 -5.37
N TYR C 339 -1.19 -3.07 -6.35
CA TYR C 339 0.06 -2.46 -6.79
C TYR C 339 -0.19 -1.11 -7.43
N HIS C 340 -1.22 -1.00 -8.27
CA HIS C 340 -1.59 0.30 -8.83
C HIS C 340 -1.94 1.29 -7.72
N GLU C 341 -2.73 0.85 -6.74
CA GLU C 341 -3.13 1.76 -5.67
C GLU C 341 -1.93 2.18 -4.81
N GLY C 342 -0.95 1.30 -4.63
CA GLY C 342 0.18 1.58 -3.76
C GLY C 342 1.30 2.39 -4.38
N GLY C 343 1.22 2.68 -5.68
CA GLY C 343 2.25 3.47 -6.33
C GLY C 343 3.44 2.69 -6.86
N ARG C 344 3.23 1.42 -7.23
CA ARG C 344 4.31 0.61 -7.76
C ARG C 344 4.51 0.81 -9.26
N PHE C 345 3.48 1.30 -9.96
CA PHE C 345 3.52 1.44 -11.41
C PHE C 345 3.53 2.90 -11.85
N CYS C 346 3.65 3.85 -10.92
CA CYS C 346 3.73 5.25 -11.27
C CYS C 346 5.00 5.89 -10.69
N GLU C 350 3.65 11.47 -10.81
CA GLU C 350 2.62 10.98 -11.72
C GLU C 350 1.51 10.28 -10.96
N GLU C 351 0.27 10.70 -11.21
CA GLU C 351 -0.88 10.08 -10.56
C GLU C 351 -1.05 8.64 -11.04
N TRP C 352 -1.31 7.74 -10.08
CA TRP C 352 -1.39 6.32 -10.39
C TRP C 352 -2.61 6.02 -11.25
N ASP C 353 -2.48 4.95 -12.06
CA ASP C 353 -3.47 4.61 -13.08
C ASP C 353 -4.70 3.99 -12.41
N GLN C 354 -5.78 4.79 -12.29
CA GLN C 354 -7.00 4.28 -11.70
C GLN C 354 -7.83 3.47 -12.69
N GLU C 355 -7.77 3.81 -13.98
CA GLU C 355 -8.54 3.08 -14.98
C GLU C 355 -8.09 1.62 -15.04
N SER C 356 -6.78 1.39 -15.06
CA SER C 356 -6.27 0.02 -15.08
C SER C 356 -6.54 -0.71 -13.78
N ALA C 357 -6.51 0.02 -12.65
CA ALA C 357 -6.88 -0.58 -11.38
C ALA C 357 -8.32 -1.09 -11.41
N VAL C 358 -9.24 -0.29 -11.95
CA VAL C 358 -10.63 -0.72 -12.03
C VAL C 358 -10.78 -1.86 -13.04
N PHE C 359 -10.00 -1.81 -14.13
CA PHE C 359 -9.99 -2.91 -15.10
C PHE C 359 -9.64 -4.24 -14.43
N HIS C 360 -8.53 -4.26 -13.69
CA HIS C 360 -8.12 -5.49 -13.03
C HIS C 360 -9.05 -5.85 -11.87
N LEU C 361 -9.71 -4.86 -11.26
CA LEU C 361 -10.70 -5.17 -10.24
C LEU C 361 -11.91 -5.87 -10.84
N GLU C 362 -12.37 -5.40 -12.00
CA GLU C 362 -13.43 -6.10 -12.73
C GLU C 362 -13.01 -7.53 -13.05
N HIS C 363 -11.78 -7.70 -13.56
CA HIS C 363 -11.33 -9.04 -13.89
C HIS C 363 -11.28 -9.94 -12.66
N ALA C 364 -10.76 -9.43 -11.54
CA ALA C 364 -10.72 -10.21 -10.30
C ALA C 364 -12.12 -10.57 -9.83
N ALA C 365 -13.08 -9.64 -9.96
CA ALA C 365 -14.43 -9.89 -9.50
C ALA C 365 -15.12 -10.96 -10.35
N ASN C 366 -14.95 -10.89 -11.67
CA ASN C 366 -15.54 -11.91 -12.54
C ASN C 366 -14.90 -13.28 -12.33
N LEU C 367 -13.71 -13.33 -11.73
CA LEU C 367 -13.02 -14.59 -11.45
C LEU C 367 -13.26 -15.08 -10.03
N GLY C 368 -14.20 -14.47 -9.30
CA GLY C 368 -14.62 -14.98 -8.01
C GLY C 368 -13.84 -14.51 -6.81
N GLU C 369 -13.23 -13.33 -6.88
CA GLU C 369 -12.54 -12.74 -5.74
C GLU C 369 -13.55 -11.92 -4.93
N LEU C 370 -13.87 -12.39 -3.72
CA LEU C 370 -14.93 -11.75 -2.94
C LEU C 370 -14.61 -10.30 -2.60
N GLU C 371 -13.34 -10.00 -2.31
CA GLU C 371 -12.96 -8.62 -2.06
C GLU C 371 -13.29 -7.74 -3.27
N ALA C 372 -12.98 -8.22 -4.47
CA ALA C 372 -13.28 -7.47 -5.68
C ALA C 372 -14.78 -7.29 -5.86
N ILE C 373 -15.57 -8.32 -5.54
CA ILE C 373 -17.01 -8.22 -5.73
C ILE C 373 -17.61 -7.22 -4.76
N VAL C 374 -17.20 -7.26 -3.49
CA VAL C 374 -17.68 -6.27 -2.52
C VAL C 374 -17.25 -4.87 -2.93
N GLY C 375 -15.97 -4.72 -3.32
CA GLY C 375 -15.48 -3.41 -3.74
C GLY C 375 -16.27 -2.84 -4.89
N LEU C 376 -16.53 -3.65 -5.93
CA LEU C 376 -17.25 -3.15 -7.09
C LEU C 376 -18.73 -2.93 -6.77
N GLY C 377 -19.32 -3.74 -5.88
CA GLY C 377 -20.68 -3.46 -5.45
C GLY C 377 -20.79 -2.14 -4.72
N LEU C 378 -19.79 -1.82 -3.90
CA LEU C 378 -19.78 -0.54 -3.20
C LEU C 378 -19.51 0.61 -4.16
N MET C 379 -18.62 0.41 -5.13
CA MET C 379 -18.25 1.48 -6.04
C MET C 379 -19.37 1.81 -7.02
N TYR C 380 -20.00 0.78 -7.59
CA TYR C 380 -21.10 1.01 -8.51
C TYR C 380 -22.34 1.55 -7.81
N SER C 381 -22.46 1.34 -6.50
CA SER C 381 -23.55 1.90 -5.70
C SER C 381 -23.22 3.28 -5.17
N GLN C 382 -22.10 3.87 -5.60
CA GLN C 382 -21.65 5.19 -5.13
C GLN C 382 -21.49 5.20 -3.60
N LEU C 383 -21.03 4.09 -3.04
CA LEU C 383 -20.88 3.90 -1.62
C LEU C 383 -19.41 3.96 -1.21
N PRO C 384 -19.12 4.18 0.07
CA PRO C 384 -17.73 4.12 0.52
C PRO C 384 -17.20 2.69 0.48
N HIS C 385 -15.90 2.58 0.18
CA HIS C 385 -15.27 1.28 -0.03
C HIS C 385 -13.83 1.35 0.47
N HIS C 386 -13.25 0.17 0.70
CA HIS C 386 -11.88 0.09 1.21
C HIS C 386 -10.88 0.01 0.07
N ILE C 387 -10.95 -1.05 -0.74
CA ILE C 387 -10.07 -1.19 -1.88
C ILE C 387 -10.39 -0.10 -2.90
N LEU C 388 -9.35 0.57 -3.40
CA LEU C 388 -9.51 1.70 -4.32
C LEU C 388 -10.41 2.78 -3.71
N ALA C 389 -10.14 3.11 -2.44
CA ALA C 389 -11.02 3.99 -1.68
C ALA C 389 -11.19 5.35 -2.36
N ASP C 390 -10.11 5.90 -2.91
CA ASP C 390 -10.15 7.24 -3.48
C ASP C 390 -10.72 7.26 -4.89
N VAL C 391 -11.17 6.13 -5.42
CA VAL C 391 -11.76 6.06 -6.76
C VAL C 391 -13.27 6.09 -6.64
N SER C 392 -13.91 7.01 -7.35
CA SER C 392 -15.37 7.11 -7.41
C SER C 392 -15.80 6.92 -8.86
N LEU C 393 -16.66 5.92 -9.09
CA LEU C 393 -17.12 5.61 -10.44
C LEU C 393 -18.32 6.47 -10.81
N LYS C 394 -18.47 6.70 -12.11
CA LYS C 394 -19.59 7.47 -12.63
C LYS C 394 -20.92 6.78 -12.30
N GLU C 395 -21.97 7.58 -12.12
CA GLU C 395 -23.27 7.07 -11.74
C GLU C 395 -24.18 6.96 -12.95
N THR C 396 -24.66 5.74 -13.21
CA THR C 396 -25.66 5.47 -14.23
C THR C 396 -26.62 4.42 -13.67
N GLU C 397 -27.72 4.20 -14.40
CA GLU C 397 -28.67 3.15 -14.00
C GLU C 397 -28.04 1.77 -14.14
N GLU C 398 -27.29 1.56 -15.23
CA GLU C 398 -26.53 0.32 -15.38
C GLU C 398 -25.61 0.11 -14.18
N ASN C 399 -24.97 1.18 -13.71
CA ASN C 399 -24.09 1.05 -12.55
C ASN C 399 -24.86 0.75 -11.28
N LYS C 400 -26.10 1.25 -11.15
CA LYS C 400 -26.89 0.92 -9.97
C LYS C 400 -27.30 -0.55 -9.97
N THR C 401 -27.75 -1.03 -11.12
CA THR C 401 -28.05 -2.46 -11.25
C THR C 401 -26.83 -3.32 -10.96
N LYS C 402 -25.67 -2.92 -11.51
CA LYS C 402 -24.45 -3.70 -11.28
C LYS C 402 -24.03 -3.66 -9.82
N GLY C 403 -24.17 -2.51 -9.16
CA GLY C 403 -23.83 -2.42 -7.76
C GLY C 403 -24.70 -3.32 -6.90
N PHE C 404 -26.02 -3.27 -7.11
CA PHE C 404 -26.88 -4.14 -6.31
C PHE C 404 -26.63 -5.61 -6.62
N ASP C 405 -26.36 -5.94 -7.89
CA ASP C 405 -26.13 -7.33 -8.25
C ASP C 405 -24.84 -7.85 -7.62
N TYR C 406 -23.77 -7.04 -7.64
CA TYR C 406 -22.52 -7.44 -6.99
C TYR C 406 -22.71 -7.57 -5.49
N LEU C 407 -23.46 -6.65 -4.87
CA LEU C 407 -23.69 -6.75 -3.43
C LEU C 407 -24.50 -7.99 -3.08
N LEU C 408 -25.49 -8.34 -3.91
CA LEU C 408 -26.27 -9.55 -3.67
C LEU C 408 -25.40 -10.80 -3.85
N LYS C 409 -24.54 -10.81 -4.87
CA LYS C 409 -23.63 -11.93 -5.07
C LYS C 409 -22.69 -12.10 -3.87
N ALA C 410 -22.16 -10.98 -3.37
CA ALA C 410 -21.30 -11.04 -2.19
C ALA C 410 -22.07 -11.47 -0.95
N ALA C 411 -23.34 -11.09 -0.85
CA ALA C 411 -24.16 -11.51 0.28
C ALA C 411 -24.39 -13.01 0.25
N GLU C 412 -24.70 -13.56 -0.92
CA GLU C 412 -24.85 -15.00 -1.05
C GLU C 412 -23.52 -15.73 -0.90
N ALA C 413 -22.39 -15.03 -1.00
CA ALA C 413 -21.08 -15.62 -0.85
C ALA C 413 -20.54 -15.53 0.58
N GLY C 414 -21.29 -14.93 1.51
CA GLY C 414 -20.93 -14.93 2.90
C GLY C 414 -20.40 -13.62 3.47
N ASP C 415 -20.45 -12.53 2.71
CA ASP C 415 -19.95 -11.25 3.20
C ASP C 415 -21.04 -10.58 4.03
N ARG C 416 -20.72 -10.24 5.29
CA ARG C 416 -21.74 -9.74 6.21
C ARG C 416 -22.13 -8.30 5.88
N GLN C 417 -21.14 -7.46 5.53
CA GLN C 417 -21.45 -6.08 5.15
C GLN C 417 -22.42 -6.03 3.97
N SER C 418 -22.16 -6.86 2.96
CA SER C 418 -23.05 -6.89 1.81
C SER C 418 -24.42 -7.45 2.18
N MET C 419 -24.47 -8.38 3.14
CA MET C 419 -25.75 -8.90 3.60
C MET C 419 -26.58 -7.83 4.28
N ILE C 420 -25.94 -7.01 5.12
CA ILE C 420 -26.66 -5.92 5.78
C ILE C 420 -27.10 -4.88 4.75
N LEU C 421 -26.26 -4.61 3.75
CA LEU C 421 -26.63 -3.64 2.73
C LEU C 421 -27.81 -4.13 1.89
N VAL C 422 -27.82 -5.41 1.54
CA VAL C 422 -28.94 -5.96 0.79
C VAL C 422 -30.20 -5.98 1.64
N ALA C 423 -30.06 -6.26 2.93
CA ALA C 423 -31.21 -6.22 3.83
C ALA C 423 -31.80 -4.81 3.89
N ARG C 424 -30.94 -3.80 4.04
CA ARG C 424 -31.41 -2.42 4.07
C ARG C 424 -32.01 -2.02 2.73
N ALA C 425 -31.48 -2.54 1.62
CA ALA C 425 -32.04 -2.23 0.31
C ALA C 425 -33.44 -2.81 0.16
N PHE C 426 -33.65 -4.04 0.60
CA PHE C 426 -34.97 -4.63 0.55
C PHE C 426 -35.91 -4.04 1.60
N ASP C 427 -35.36 -3.40 2.64
CA ASP C 427 -36.18 -2.80 3.70
C ASP C 427 -36.64 -1.41 3.31
N SER C 428 -35.70 -0.47 3.21
CA SER C 428 -36.01 0.93 2.97
C SER C 428 -35.92 1.34 1.51
N GLY C 429 -35.28 0.52 0.67
CA GLY C 429 -35.06 0.89 -0.72
C GLY C 429 -33.72 1.52 -0.98
N GLN C 430 -32.94 1.81 0.06
CA GLN C 430 -31.65 2.45 -0.08
C GLN C 430 -30.69 1.53 -0.84
N ASN C 431 -30.17 2.01 -1.96
CA ASN C 431 -29.23 1.28 -2.81
C ASN C 431 -29.87 0.07 -3.50
N LEU C 432 -31.20 0.02 -3.53
CA LEU C 432 -31.90 -1.04 -4.24
C LEU C 432 -31.94 -0.71 -5.72
N SER C 433 -31.61 -1.70 -6.56
CA SER C 433 -31.67 -1.48 -7.99
C SER C 433 -33.09 -1.15 -8.41
N PRO C 434 -33.28 -0.24 -9.38
CA PRO C 434 -34.64 0.11 -9.80
C PRO C 434 -35.43 -1.06 -10.37
N ASP C 435 -34.76 -2.07 -10.93
CA ASP C 435 -35.47 -3.20 -11.50
C ASP C 435 -36.06 -4.11 -10.43
N ARG C 436 -35.67 -3.94 -9.17
CA ARG C 436 -36.16 -4.77 -8.08
C ARG C 436 -37.15 -3.96 -7.24
N CYS C 437 -37.77 -4.64 -6.28
CA CYS C 437 -38.81 -4.01 -5.47
C CYS C 437 -38.57 -4.31 -3.99
N GLN C 438 -39.01 -3.40 -3.14
CA GLN C 438 -38.92 -3.60 -1.71
C GLN C 438 -39.67 -4.85 -1.30
N ASP C 439 -38.97 -5.76 -0.62
CA ASP C 439 -39.52 -7.05 -0.21
C ASP C 439 -39.10 -7.28 1.24
N TRP C 440 -40.04 -7.13 2.17
CA TRP C 440 -39.68 -7.22 3.58
C TRP C 440 -39.42 -8.65 4.04
N LEU C 441 -39.97 -9.65 3.34
CA LEU C 441 -39.59 -11.03 3.65
C LEU C 441 -38.14 -11.29 3.29
N GLU C 442 -37.70 -10.78 2.13
CA GLU C 442 -36.30 -10.91 1.74
C GLU C 442 -35.41 -10.12 2.69
N ALA C 443 -35.87 -8.95 3.13
CA ALA C 443 -35.10 -8.16 4.08
C ALA C 443 -34.98 -8.89 5.41
N LEU C 444 -36.04 -9.56 5.85
CA LEU C 444 -35.94 -10.38 7.06
C LEU C 444 -34.97 -11.52 6.88
N HIS C 445 -35.01 -12.19 5.72
CA HIS C 445 -34.06 -13.27 5.44
C HIS C 445 -32.63 -12.77 5.56
N TRP C 446 -32.33 -11.62 4.98
CA TRP C 446 -30.94 -11.14 4.98
C TRP C 446 -30.53 -10.60 6.35
N TYR C 447 -31.45 -9.91 7.05
CA TYR C 447 -31.18 -9.52 8.43
C TYR C 447 -30.84 -10.72 9.29
N ASN C 448 -31.60 -11.81 9.14
CA ASN C 448 -31.37 -12.99 9.96
C ASN C 448 -30.07 -13.71 9.55
N THR C 449 -29.78 -13.72 8.25
CA THR C 449 -28.51 -14.27 7.80
C THR C 449 -27.33 -13.49 8.39
N ALA C 450 -27.50 -12.17 8.53
CA ALA C 450 -26.47 -11.37 9.18
C ALA C 450 -26.38 -11.68 10.68
N LEU C 451 -27.52 -11.79 11.35
CA LEU C 451 -27.52 -12.01 12.79
C LEU C 451 -26.99 -13.38 13.16
N GLU C 452 -27.20 -14.39 12.31
CA GLU C 452 -26.71 -15.74 12.58
C GLU C 452 -25.24 -15.93 12.24
N MET C 453 -24.63 -15.01 11.50
CA MET C 453 -23.23 -15.10 11.15
C MET C 453 -22.32 -14.64 12.28
N GLN C 466 -18.00 -4.50 11.38
CA GLN C 466 -18.40 -4.33 12.77
C GLN C 466 -18.87 -2.90 13.03
N ASP C 467 -20.16 -2.65 12.79
CA ASP C 467 -20.72 -1.31 12.97
C ASP C 467 -22.10 -1.38 13.60
N GLU C 468 -23.00 -2.18 13.01
CA GLU C 468 -24.36 -2.29 13.49
C GLU C 468 -24.43 -3.34 14.60
N PRO C 469 -24.80 -2.96 15.83
CA PRO C 469 -24.99 -3.97 16.88
C PRO C 469 -26.13 -4.91 16.53
N ARG C 470 -26.05 -6.14 17.05
CA ARG C 470 -27.05 -7.16 16.73
C ARG C 470 -28.44 -6.72 17.18
N TYR C 471 -28.54 -6.11 18.37
CA TYR C 471 -29.85 -5.73 18.89
C TYR C 471 -30.53 -4.70 18.00
N MET C 472 -29.76 -3.88 17.28
CA MET C 472 -30.36 -2.93 16.35
C MET C 472 -31.11 -3.65 15.24
N MET C 473 -30.47 -4.66 14.64
CA MET C 473 -31.12 -5.41 13.57
C MET C 473 -32.29 -6.24 14.10
N LEU C 474 -32.14 -6.81 15.30
CA LEU C 474 -33.25 -7.53 15.91
C LEU C 474 -34.45 -6.61 16.14
N ALA C 475 -34.20 -5.39 16.61
CA ALA C 475 -35.29 -4.44 16.81
C ALA C 475 -35.87 -3.97 15.49
N ARG C 476 -35.06 -3.90 14.43
CA ARG C 476 -35.60 -3.56 13.12
C ARG C 476 -36.54 -4.65 12.62
N GLU C 477 -36.14 -5.92 12.76
CA GLU C 477 -37.04 -7.02 12.42
C GLU C 477 -38.31 -6.96 13.26
N ALA C 478 -38.18 -6.63 14.54
CA ALA C 478 -39.34 -6.52 15.41
C ALA C 478 -40.29 -5.42 14.94
N GLU C 479 -39.74 -4.26 14.57
CA GLU C 479 -40.55 -3.18 14.01
C GLU C 479 -41.28 -3.65 12.76
N MET C 480 -40.55 -4.30 11.84
CA MET C 480 -41.15 -4.72 10.58
C MET C 480 -42.29 -5.71 10.80
N LEU C 481 -42.13 -6.62 11.76
CA LEU C 481 -43.20 -7.55 12.07
C LEU C 481 -44.32 -6.92 12.88
N PHE C 482 -44.04 -5.86 13.63
CA PHE C 482 -45.09 -5.13 14.34
C PHE C 482 -45.99 -4.39 13.37
N THR C 483 -45.41 -3.76 12.35
CA THR C 483 -46.20 -3.03 11.37
C THR C 483 -46.64 -3.92 10.21
N GLY C 484 -45.70 -4.64 9.61
CA GLY C 484 -45.95 -5.34 8.38
C GLY C 484 -45.89 -4.43 7.17
N GLY C 485 -45.77 -5.03 6.00
CA GLY C 485 -45.75 -4.29 4.75
C GLY C 485 -44.77 -4.90 3.76
N TYR C 486 -44.94 -4.51 2.49
CA TYR C 486 -44.05 -4.90 1.40
C TYR C 486 -43.95 -6.43 1.29
N GLY C 487 -45.09 -7.09 1.40
CA GLY C 487 -45.19 -8.53 1.28
C GLY C 487 -45.27 -9.25 2.62
N LEU C 488 -44.74 -8.64 3.68
CA LEU C 488 -44.74 -9.25 5.01
C LEU C 488 -46.01 -8.89 5.74
N GLU C 489 -46.71 -9.90 6.26
CA GLU C 489 -47.93 -9.70 7.02
C GLU C 489 -47.61 -9.44 8.49
N LYS C 490 -48.41 -8.59 9.12
CA LYS C 490 -48.21 -8.25 10.53
C LYS C 490 -48.24 -9.51 11.39
N ASP C 491 -47.19 -9.69 12.19
CA ASP C 491 -47.05 -10.86 13.07
C ASP C 491 -46.67 -10.36 14.45
N PRO C 492 -47.65 -10.07 15.31
CA PRO C 492 -47.33 -9.55 16.65
C PRO C 492 -46.56 -10.53 17.52
N GLN C 493 -46.83 -11.84 17.41
CA GLN C 493 -46.15 -12.82 18.25
C GLN C 493 -44.65 -12.81 17.98
N ARG C 494 -44.26 -12.98 16.72
CA ARG C 494 -42.84 -12.95 16.39
C ARG C 494 -42.23 -11.59 16.63
N SER C 495 -43.02 -10.51 16.48
CA SER C 495 -42.52 -9.18 16.78
C SER C 495 -42.13 -9.06 18.25
N GLY C 496 -42.99 -9.55 19.15
CA GLY C 496 -42.66 -9.54 20.56
C GLY C 496 -41.48 -10.44 20.88
N ASP C 497 -41.42 -11.62 20.23
CA ASP C 497 -40.28 -12.51 20.44
C ASP C 497 -38.96 -11.85 20.04
N LEU C 498 -38.97 -11.14 18.91
CA LEU C 498 -37.74 -10.49 18.45
C LEU C 498 -37.40 -9.27 19.29
N TYR C 499 -38.40 -8.54 19.79
CA TYR C 499 -38.10 -7.47 20.73
C TYR C 499 -37.48 -8.03 22.01
N THR C 500 -37.94 -9.22 22.44
CA THR C 500 -37.33 -9.87 23.60
C THR C 500 -35.89 -10.27 23.31
N GLN C 501 -35.64 -10.82 22.11
CA GLN C 501 -34.26 -11.15 21.72
C GLN C 501 -33.39 -9.90 21.69
N ALA C 502 -33.92 -8.79 21.20
CA ALA C 502 -33.16 -7.55 21.16
C ALA C 502 -32.89 -7.02 22.56
N ALA C 503 -33.83 -7.20 23.49
CA ALA C 503 -33.57 -6.79 24.87
C ALA C 503 -32.51 -7.67 25.52
N GLU C 504 -32.54 -8.98 25.24
CA GLU C 504 -31.53 -9.87 25.80
C GLU C 504 -30.16 -9.63 25.18
N ALA C 505 -30.11 -9.13 23.94
CA ALA C 505 -28.84 -8.73 23.35
C ALA C 505 -28.42 -7.34 23.80
N ALA C 506 -29.37 -6.52 24.24
CA ALA C 506 -29.09 -5.21 24.83
C ALA C 506 -28.53 -5.33 26.24
N MET C 507 -28.93 -6.36 27.00
CA MET C 507 -28.30 -6.58 28.29
C MET C 507 -26.81 -6.81 28.12
N GLU C 508 -26.44 -7.80 27.33
CA GLU C 508 -25.05 -7.84 26.87
C GLU C 508 -24.78 -6.51 26.18
N ALA C 509 -23.55 -6.02 26.33
CA ALA C 509 -23.09 -4.72 25.86
C ALA C 509 -23.50 -3.63 26.84
N MET C 510 -24.05 -4.02 28.00
CA MET C 510 -24.32 -3.11 29.11
C MET C 510 -25.25 -1.96 28.73
N LYS C 511 -26.29 -2.27 27.98
CA LYS C 511 -27.32 -1.31 27.58
C LYS C 511 -28.63 -1.67 28.28
N GLY C 512 -28.66 -1.41 29.59
CA GLY C 512 -29.81 -1.80 30.39
C GLY C 512 -31.09 -1.07 30.01
N ARG C 513 -31.04 0.26 29.95
CA ARG C 513 -32.25 1.03 29.66
C ARG C 513 -32.80 0.69 28.28
N LEU C 514 -31.91 0.42 27.32
CA LEU C 514 -32.36 0.01 25.99
C LEU C 514 -33.07 -1.35 26.07
N ALA C 515 -32.53 -2.26 26.89
CA ALA C 515 -33.18 -3.55 27.09
C ALA C 515 -34.55 -3.40 27.72
N ASN C 516 -34.69 -2.49 28.69
CA ASN C 516 -36.00 -2.24 29.28
C ASN C 516 -36.98 -1.69 28.24
N GLN C 517 -36.52 -0.78 27.39
CA GLN C 517 -37.40 -0.25 26.35
C GLN C 517 -37.80 -1.35 25.37
N TYR C 518 -36.87 -2.25 25.05
CA TYR C 518 -37.20 -3.35 24.13
C TYR C 518 -38.18 -4.32 24.76
N TYR C 519 -38.03 -4.60 26.06
CA TYR C 519 -39.01 -5.44 26.74
C TYR C 519 -40.39 -4.80 26.76
N GLN C 520 -40.43 -3.48 26.99
CA GLN C 520 -41.71 -2.76 26.96
C GLN C 520 -42.35 -2.85 25.58
N LYS C 521 -41.55 -2.68 24.52
CA LYS C 521 -42.11 -2.79 23.17
C LYS C 521 -42.54 -4.21 22.85
N ALA C 522 -41.86 -5.22 23.41
CA ALA C 522 -42.31 -6.60 23.23
C ALA C 522 -43.68 -6.80 23.87
N GLU C 523 -43.85 -6.29 25.09
CA GLU C 523 -45.16 -6.35 25.74
C GLU C 523 -46.21 -5.61 24.92
N GLU C 524 -45.84 -4.47 24.34
CA GLU C 524 -46.77 -3.72 23.49
C GLU C 524 -47.18 -4.53 22.28
N ALA C 525 -46.22 -5.17 21.62
CA ALA C 525 -46.53 -6.00 20.46
C ALA C 525 -47.46 -7.15 20.83
N TRP C 526 -47.21 -7.79 21.99
CA TRP C 526 -48.06 -8.89 22.41
C TRP C 526 -49.46 -8.40 22.81
N ALA C 527 -49.57 -7.17 23.28
CA ALA C 527 -50.87 -6.66 23.75
C ALA C 527 -51.89 -6.55 22.63
N GLN C 528 -51.47 -6.47 21.37
CA GLN C 528 -52.42 -6.37 20.27
C GLN C 528 -53.19 -7.66 20.06
N MET C 529 -52.70 -8.77 20.58
CA MET C 529 -53.32 -10.07 20.36
C MET C 529 -54.47 -10.28 21.36
N GLU C 530 -55.11 -11.44 21.26
CA GLU C 530 -56.18 -11.82 22.18
C GLU C 530 -55.69 -12.87 23.18
N SER D 81 41.65 -45.59 -19.22
CA SER D 81 40.63 -45.18 -20.19
C SER D 81 39.28 -44.90 -19.53
N GLU D 82 38.85 -45.76 -18.61
CA GLU D 82 37.61 -45.50 -17.89
C GLU D 82 37.68 -44.15 -17.19
N GLU D 83 38.79 -43.87 -16.50
CA GLU D 83 38.99 -42.56 -15.91
C GLU D 83 39.01 -41.47 -16.98
N GLU D 84 39.63 -41.76 -18.14
CA GLU D 84 39.63 -40.80 -19.23
C GLU D 84 38.21 -40.55 -19.76
N ILE D 85 37.41 -41.62 -19.87
CA ILE D 85 36.04 -41.46 -20.32
C ILE D 85 35.22 -40.70 -19.29
N ARG D 86 35.45 -40.99 -18.00
CA ARG D 86 34.77 -40.22 -16.95
C ARG D 86 35.18 -38.76 -17.00
N GLU D 87 36.47 -38.48 -17.25
CA GLU D 87 36.91 -37.11 -17.43
C GLU D 87 36.22 -36.47 -18.63
N ALA D 88 36.08 -37.22 -19.73
CA ALA D 88 35.42 -36.68 -20.91
C ALA D 88 33.95 -36.38 -20.62
N PHE D 89 33.31 -37.18 -19.77
CA PHE D 89 31.93 -36.91 -19.40
C PHE D 89 31.81 -35.63 -18.58
N ARG D 90 32.76 -35.40 -17.66
CA ARG D 90 32.74 -34.18 -16.86
C ARG D 90 33.01 -32.93 -17.69
N VAL D 91 33.61 -33.08 -18.87
CA VAL D 91 33.82 -31.93 -19.74
C VAL D 91 32.49 -31.33 -20.18
N PHE D 92 31.51 -32.18 -20.49
CA PHE D 92 30.23 -31.73 -21.01
C PHE D 92 29.14 -31.59 -19.95
N ASP D 93 29.20 -32.39 -18.87
CA ASP D 93 28.25 -32.25 -17.77
C ASP D 93 28.68 -31.03 -16.95
N LYS D 94 28.28 -29.85 -17.42
CA LYS D 94 28.81 -28.60 -16.86
C LYS D 94 28.43 -28.43 -15.39
N ASP D 95 27.21 -28.82 -15.02
CA ASP D 95 26.76 -28.65 -13.63
C ASP D 95 27.00 -29.88 -12.77
N GLY D 96 27.50 -30.97 -13.36
CA GLY D 96 27.85 -32.14 -12.59
C GLY D 96 26.69 -32.87 -11.94
N ASN D 97 25.51 -32.78 -12.52
CA ASN D 97 24.36 -33.53 -12.00
C ASN D 97 24.27 -34.95 -12.56
N GLY D 98 25.13 -35.29 -13.52
CA GLY D 98 25.12 -36.62 -14.10
C GLY D 98 24.46 -36.75 -15.45
N TYR D 99 24.05 -35.64 -16.07
CA TYR D 99 23.33 -35.68 -17.34
C TYR D 99 23.78 -34.54 -18.22
N ILE D 100 24.11 -34.85 -19.47
CA ILE D 100 24.50 -33.84 -20.46
C ILE D 100 23.24 -33.37 -21.19
N SER D 101 22.86 -32.12 -20.97
CA SER D 101 21.72 -31.53 -21.64
C SER D 101 22.14 -30.83 -22.93
N ALA D 102 21.15 -30.46 -23.74
CA ALA D 102 21.43 -29.77 -25.00
C ALA D 102 22.02 -28.38 -24.74
N ALA D 103 21.51 -27.67 -23.74
CA ALA D 103 22.06 -26.37 -23.41
C ALA D 103 23.51 -26.47 -22.96
N GLU D 104 23.82 -27.49 -22.14
CA GLU D 104 25.20 -27.68 -21.70
C GLU D 104 26.11 -28.00 -22.87
N LEU D 105 25.65 -28.84 -23.80
CA LEU D 105 26.47 -29.17 -24.96
C LEU D 105 26.70 -27.95 -25.85
N ARG D 106 25.66 -27.15 -26.07
CA ARG D 106 25.82 -25.91 -26.83
C ARG D 106 26.83 -24.99 -26.16
N HIS D 107 26.70 -24.80 -24.84
CA HIS D 107 27.62 -23.95 -24.10
C HIS D 107 29.05 -24.47 -24.21
N VAL D 108 29.24 -25.77 -24.04
CA VAL D 108 30.57 -26.33 -24.08
C VAL D 108 31.18 -26.21 -25.47
N MET D 109 30.39 -26.52 -26.51
CA MET D 109 30.89 -26.40 -27.88
C MET D 109 31.29 -24.96 -28.20
N THR D 110 30.47 -23.98 -27.80
CA THR D 110 30.81 -22.59 -28.07
C THR D 110 32.04 -22.15 -27.28
N ASN D 111 32.16 -22.59 -26.03
CA ASN D 111 33.31 -22.23 -25.22
C ASN D 111 34.57 -22.90 -25.75
N LEU D 112 34.44 -24.08 -26.32
CA LEU D 112 35.58 -24.84 -26.81
C LEU D 112 36.02 -24.39 -28.19
N GLY D 113 35.33 -23.43 -28.79
CA GLY D 113 35.69 -22.94 -30.11
C GLY D 113 35.32 -23.86 -31.25
N GLU D 114 34.58 -24.92 -30.98
CA GLU D 114 34.10 -25.81 -32.02
C GLU D 114 32.97 -25.15 -32.81
N LYS D 115 32.91 -25.46 -34.10
CA LYS D 115 31.96 -24.83 -35.01
C LYS D 115 30.88 -25.86 -35.39
N LEU D 116 29.86 -25.97 -34.54
CA LEU D 116 28.69 -26.79 -34.82
C LEU D 116 27.44 -25.95 -34.64
N THR D 117 26.46 -26.19 -35.49
CA THR D 117 25.19 -25.49 -35.40
C THR D 117 24.33 -26.10 -34.30
N ASP D 118 23.33 -25.34 -33.87
CA ASP D 118 22.44 -25.81 -32.82
C ASP D 118 21.73 -27.10 -33.23
N GLU D 119 21.40 -27.22 -34.52
CA GLU D 119 20.75 -28.44 -34.98
C GLU D 119 21.67 -29.65 -34.82
N GLU D 120 22.97 -29.45 -35.04
CA GLU D 120 23.91 -30.55 -34.86
C GLU D 120 24.08 -30.90 -33.39
N VAL D 121 24.01 -29.91 -32.49
CA VAL D 121 24.10 -30.20 -31.06
C VAL D 121 22.88 -30.99 -30.61
N ASP D 122 21.68 -30.56 -31.02
CA ASP D 122 20.47 -31.30 -30.69
C ASP D 122 20.53 -32.72 -31.26
N GLU D 123 21.11 -32.87 -32.46
CA GLU D 123 21.19 -34.19 -33.07
C GLU D 123 22.21 -35.06 -32.35
N MET D 124 23.30 -34.46 -31.84
CA MET D 124 24.27 -35.21 -31.05
C MET D 124 23.61 -35.76 -29.79
N ILE D 125 22.89 -34.90 -29.07
CA ILE D 125 22.21 -35.34 -27.85
C ILE D 125 21.19 -36.43 -28.16
N ARG D 126 20.37 -36.21 -29.19
CA ARG D 126 19.35 -37.19 -29.56
C ARG D 126 19.99 -38.52 -29.97
N GLU D 127 21.10 -38.46 -30.72
CA GLU D 127 21.77 -39.66 -31.18
C GLU D 127 22.28 -40.47 -30.00
N ALA D 128 22.90 -39.81 -29.02
CA ALA D 128 23.45 -40.54 -27.89
C ALA D 128 22.41 -40.89 -26.84
N ASP D 129 21.19 -40.40 -26.97
CA ASP D 129 20.12 -40.61 -25.99
C ASP D 129 19.40 -41.93 -26.28
N ILE D 130 19.81 -43.00 -25.59
CA ILE D 130 19.17 -44.29 -25.83
C ILE D 130 17.81 -44.38 -25.14
N ASP D 131 17.73 -43.93 -23.88
CA ASP D 131 16.49 -44.05 -23.13
C ASP D 131 15.42 -43.05 -23.56
N GLY D 132 15.82 -41.89 -24.09
CA GLY D 132 14.87 -40.95 -24.63
C GLY D 132 14.40 -39.88 -23.67
N ASP D 133 15.25 -39.48 -22.72
CA ASP D 133 14.89 -38.45 -21.76
C ASP D 133 15.34 -37.06 -22.19
N GLY D 134 15.93 -36.94 -23.38
CA GLY D 134 16.43 -35.67 -23.87
C GLY D 134 17.82 -35.32 -23.38
N GLN D 135 18.46 -36.20 -22.63
CA GLN D 135 19.77 -35.95 -22.06
C GLN D 135 20.64 -37.19 -22.24
N VAL D 136 21.93 -37.02 -21.99
CA VAL D 136 22.91 -38.10 -22.14
C VAL D 136 23.51 -38.36 -20.76
N ASN D 137 23.23 -39.53 -20.20
CA ASN D 137 23.83 -39.92 -18.94
C ASN D 137 25.21 -40.54 -19.19
N TYR D 138 25.86 -40.97 -18.10
CA TYR D 138 27.21 -41.52 -18.23
C TYR D 138 27.20 -42.88 -18.92
N GLU D 139 26.17 -43.69 -18.67
CA GLU D 139 26.08 -45.00 -19.31
C GLU D 139 26.02 -44.86 -20.83
N GLU D 140 25.11 -44.01 -21.31
CA GLU D 140 25.00 -43.78 -22.75
C GLU D 140 26.24 -43.10 -23.31
N PHE D 141 26.89 -42.24 -22.52
CA PHE D 141 28.14 -41.63 -22.97
C PHE D 141 29.22 -42.68 -23.18
N VAL D 142 29.31 -43.66 -22.27
CA VAL D 142 30.26 -44.75 -22.44
C VAL D 142 29.88 -45.60 -23.65
N GLN D 143 28.60 -45.92 -23.80
CA GLN D 143 28.14 -46.66 -24.97
C GLN D 143 28.55 -45.97 -26.27
N MET D 144 28.41 -44.65 -26.32
CA MET D 144 28.78 -43.92 -27.53
C MET D 144 30.28 -43.87 -27.72
N MET D 145 31.05 -43.70 -26.64
CA MET D 145 32.50 -43.60 -26.78
C MET D 145 33.13 -44.97 -27.05
N THR D 146 32.71 -46.00 -26.32
CA THR D 146 33.22 -47.36 -26.56
C THR D 146 32.34 -48.10 -27.57
N ALA D 147 32.39 -47.64 -28.82
CA ALA D 147 31.51 -48.17 -29.85
C ALA D 147 32.30 -48.59 -31.08
PG ATP E . -13.65 31.55 4.23
O1G ATP E . -13.32 30.59 3.15
O2G ATP E . -13.42 33.03 3.82
O3G ATP E . -13.01 31.26 5.57
PB ATP E . -16.46 31.42 3.67
O1B ATP E . -16.65 32.67 2.88
O2B ATP E . -16.33 30.13 2.87
O3B ATP E . -15.20 31.49 4.53
PA ATP E . -18.05 31.72 6.15
O1A ATP E . -16.76 32.20 6.64
O2A ATP E . -18.55 30.45 6.79
O3A ATP E . -17.68 31.23 4.68
O5' ATP E . -19.08 32.91 5.99
C5' ATP E . -18.76 34.30 6.31
C4' ATP E . -19.27 34.72 7.68
O4' ATP E . -20.66 34.38 7.85
C3' ATP E . -18.58 33.94 8.80
O3' ATP E . -17.30 34.52 9.04
C2' ATP E . -19.56 34.20 9.96
O2' ATP E . -19.33 35.49 10.53
C1' ATP E . -20.92 34.26 9.23
N9 ATP E . -21.64 33.00 9.41
C8 ATP E . -21.48 31.84 8.69
N7 ATP E . -22.27 30.87 9.05
C5 ATP E . -23.01 31.41 10.09
C6 ATP E . -24.03 30.88 10.91
N6 ATP E . -24.47 29.63 10.77
N1 ATP E . -24.57 31.69 11.85
C2 ATP E . -24.11 32.94 11.97
N3 ATP E . -23.15 33.55 11.25
C4 ATP E . -22.65 32.73 10.33
PB ADP F . -33.97 21.44 8.73
O1B ADP F . -34.71 22.57 7.93
O2B ADP F . -34.24 21.49 10.22
O3B ADP F . -32.49 21.26 8.30
PA ADP F . -36.18 19.53 8.50
O1A ADP F . -36.95 19.54 7.22
O2A ADP F . -36.77 20.24 9.69
O3A ADP F . -34.69 20.04 8.32
O5' ADP F . -35.98 17.98 8.81
C5' ADP F . -35.34 17.60 10.11
C4' ADP F . -35.34 16.09 10.24
O4' ADP F . -34.71 15.52 9.07
C3' ADP F . -34.51 15.63 11.42
O3' ADP F . -35.26 15.64 12.66
C2' ADP F . -34.06 14.22 10.97
O2' ADP F . -35.12 13.27 11.09
C1' ADP F . -33.98 14.36 9.45
N9 ADP F . -32.64 14.60 8.95
C8 ADP F . -31.75 15.61 9.27
N7 ADP F . -30.58 15.54 8.63
C5 ADP F . -30.71 14.40 7.83
C6 ADP F . -29.82 13.77 6.93
N6 ADP F . -28.61 14.25 6.69
N1 ADP F . -30.28 12.65 6.32
C2 ADP F . -31.50 12.20 6.58
N3 ADP F . -32.41 12.70 7.42
C4 ADP F . -31.96 13.82 8.03
ZN ZN G . -2.12 19.54 22.36
CA CA H . -28.20 18.30 16.26
CA CA I . -29.68 8.80 21.50
PG ATP J . 20.60 -11.69 -5.87
O1G ATP J . 19.85 -12.96 -6.03
O2G ATP J . 20.13 -10.85 -4.65
O3G ATP J . 20.67 -10.83 -7.11
PB ATP J . 22.85 -12.97 -4.63
O1B ATP J . 23.83 -12.18 -3.85
O2B ATP J . 21.81 -13.80 -3.89
O3B ATP J . 22.10 -12.00 -5.53
PA ATP J . 24.14 -13.76 -7.15
O1A ATP J . 23.28 -12.72 -7.76
O2A ATP J . 23.93 -15.16 -7.69
O3A ATP J . 23.64 -13.90 -5.65
O5' ATP J . 25.64 -13.28 -6.98
C5' ATP J . 26.70 -13.88 -7.74
C4' ATP J . 27.23 -13.00 -8.83
O4' ATP J . 28.42 -13.66 -9.32
C3' ATP J . 26.24 -12.92 -9.99
O3' ATP J . 25.74 -11.58 -10.06
C2' ATP J . 27.06 -13.30 -11.23
O2' ATP J . 27.61 -12.12 -11.83
C1' ATP J . 28.25 -14.09 -10.66
N9 ATP J . 28.01 -15.54 -10.66
C8 ATP J . 27.17 -16.29 -9.88
N7 ATP J . 27.19 -17.59 -10.12
C5 ATP J . 28.11 -17.70 -11.15
C6 ATP J . 28.58 -18.79 -11.88
N6 ATP J . 28.17 -20.04 -11.65
N1 ATP J . 29.50 -18.57 -12.85
C2 ATP J . 29.91 -17.31 -13.07
N3 ATP J . 29.53 -16.19 -12.45
C4 ATP J . 28.62 -16.45 -11.50
PB ADP K . 30.85 -32.15 -9.11
O1B ADP K . 29.56 -31.36 -8.73
O2B ADP K . 31.06 -32.40 -10.59
O3B ADP K . 32.14 -31.64 -8.37
PA ADP K . 31.45 -34.97 -8.65
O1A ADP K . 32.34 -34.82 -9.86
O2A ADP K . 32.08 -35.31 -7.34
O3A ADP K . 30.56 -33.65 -8.57
O5' ADP K . 30.38 -36.11 -8.89
C5' ADP K . 29.55 -36.08 -10.13
C4' ADP K . 28.68 -37.31 -10.20
O4' ADP K . 27.83 -37.39 -9.02
C3' ADP K . 27.73 -37.27 -11.38
O3' ADP K . 28.33 -37.75 -12.60
C2' ADP K . 26.54 -38.12 -10.88
O2' ADP K . 26.84 -39.52 -10.94
C1' ADP K . 26.55 -37.88 -9.37
N9 ADP K . 25.63 -36.85 -8.94
C8 ADP K . 25.51 -35.55 -9.36
N7 ADP K . 24.54 -34.85 -8.75
C5 ADP K . 24.00 -35.78 -7.86
C6 ADP K . 22.95 -35.66 -6.93
N6 ADP K . 22.27 -34.54 -6.77
N1 ADP K . 22.66 -36.78 -6.20
C2 ADP K . 23.37 -37.89 -6.40
N3 ADP K . 24.36 -38.10 -7.24
C4 ADP K . 24.66 -36.99 -7.97
ZN ZN L . 4.06 -15.02 -22.88
CA CA M . 24.05 -31.42 -16.40
CA CA N . 19.52 -40.32 -21.61
#